data_8XQ0
#
_entry.id   8XQ0
#
_cell.length_a   38.759
_cell.length_b   85.262
_cell.length_c   79.573
_cell.angle_alpha   90.005
_cell.angle_beta   85.195
_cell.angle_gamma   90.031
#
_symmetry.space_group_name_H-M   'P 1'
#
loop_
_entity.id
_entity.type
_entity.pdbx_description
1 polymer 'Tyrosine-protein kinase SYK'
2 non-polymer cyclopropyl-[5-[[4-[4-[[(3~{S},4~{S})-3-methoxy-4-oxidanyl-pyrrolidin-1-yl]methyl]-3-methyl-pyrazol-1-yl]pyrimidin-2-yl]amino]-1-methyl-indol-3-yl]methanone
3 water water
#
_entity_poly.entity_id   1
_entity_poly.type   'polypeptide(L)'
_entity_poly.pdbx_seq_one_letter_code
;EEIRPKEVYLDRKLLTLEDKELGSGNFGTVKKGYYQMKKVVKTVAVKILKNEANDPALKDELLAEANVMQQLDNPYIVRM
IGICEAESWMLVMEMAELGPLNKYLQQNRHVKDKNIIELVHQVSMGMKYLEESNFVHRDLAARNVLLVTQHYAKISDFGL
SKALRADENYYKAQTHGKWPVKWYAPECINYYKFSSKSDVWSFGVLMWEAFSYGQKPYRGMKGSEVTAMLEKGERMGCPA
GCPREMYDLMNLCWTYDVENRPGFAAVELRLRNYYYDVVNLEHHHHHHHH
;
_entity_poly.pdbx_strand_id   A,B,C,D
#
loop_
_chem_comp.id
_chem_comp.type
_chem_comp.name
_chem_comp.formula
A1LV4 non-polymer cyclopropyl-[5-[[4-[4-[[(3~{S},4~{S})-3-methoxy-4-oxidanyl-pyrrolidin-1-yl]methyl]-3-methyl-pyrazol-1-yl]pyrimidin-2-yl]amino]-1-methyl-indol-3-yl]methanone 'C27 H31 N7 O3'
#
# COMPACT_ATOMS: atom_id res chain seq x y z
N TYR A 9 36.77 32.86 18.72
CA TYR A 9 37.05 33.29 20.08
C TYR A 9 36.57 34.73 20.29
N LEU A 10 35.91 34.97 21.43
CA LEU A 10 35.17 36.19 21.67
C LEU A 10 35.82 37.04 22.75
N ASP A 11 35.35 38.28 22.84
CA ASP A 11 35.93 39.30 23.71
C ASP A 11 35.08 39.40 24.98
N ARG A 12 35.64 38.93 26.10
CA ARG A 12 34.93 38.93 27.38
C ARG A 12 34.35 40.29 27.73
N LYS A 13 34.99 41.37 27.28
CA LYS A 13 34.52 42.70 27.62
C LYS A 13 33.29 43.12 26.82
N LEU A 14 33.00 42.43 25.71
CA LEU A 14 31.77 42.66 24.97
C LEU A 14 30.61 41.79 25.45
N LEU A 15 30.86 40.92 26.42
CA LEU A 15 29.86 40.00 26.94
C LEU A 15 29.42 40.48 28.32
N THR A 16 28.10 40.54 28.53
CA THR A 16 27.51 40.85 29.83
C THR A 16 26.56 39.71 30.20
N LEU A 17 26.43 39.48 31.50
CA LEU A 17 25.76 38.28 32.02
C LEU A 17 24.74 38.67 33.06
N GLU A 18 23.55 38.06 32.95
CA GLU A 18 22.57 38.16 34.03
C GLU A 18 23.06 37.39 35.26
N ASP A 19 22.70 37.88 36.43
CA ASP A 19 23.24 37.31 37.66
C ASP A 19 22.67 35.93 37.95
N LYS A 20 21.37 35.74 37.75
CA LYS A 20 20.71 34.49 38.13
C LYS A 20 20.87 33.45 37.02
N GLU A 21 21.36 32.27 37.40
CA GLU A 21 21.60 31.23 36.41
C GLU A 21 20.28 30.64 35.92
N LEU A 22 20.23 30.30 34.63
CA LEU A 22 19.08 29.59 34.09
C LEU A 22 19.05 28.14 34.56
N GLY A 23 20.21 27.51 34.67
CA GLY A 23 20.26 26.14 35.14
C GLY A 23 21.70 25.73 35.36
N SER A 24 21.86 24.48 35.78
CA SER A 24 23.17 23.97 36.16
C SER A 24 23.24 22.49 35.80
N GLY A 25 24.47 22.00 35.69
CA GLY A 25 24.69 20.59 35.41
C GLY A 25 26.09 20.20 35.82
N ASN A 26 26.47 18.96 35.47
CA ASN A 26 27.78 18.46 35.83
C ASN A 26 28.92 19.26 35.20
N PHE A 27 28.64 19.97 34.10
CA PHE A 27 29.63 20.78 33.41
C PHE A 27 29.81 22.15 34.04
N GLY A 28 28.84 22.60 34.82
CA GLY A 28 28.84 23.96 35.30
C GLY A 28 27.48 24.60 35.21
N THR A 29 27.36 25.69 34.44
CA THR A 29 26.27 26.63 34.58
C THR A 29 25.82 27.15 33.21
N VAL A 30 24.54 27.50 33.08
CA VAL A 30 24.00 28.17 31.89
C VAL A 30 23.39 29.49 32.32
N LYS A 31 23.80 30.58 31.66
CA LYS A 31 23.33 31.92 32.01
C LYS A 31 22.80 32.63 30.77
N LYS A 32 21.87 33.56 31.00
CA LYS A 32 21.42 34.46 29.96
C LYS A 32 22.38 35.64 29.86
N GLY A 33 22.64 36.10 28.65
CA GLY A 33 23.53 37.22 28.49
C GLY A 33 23.27 37.95 27.18
N TYR A 34 24.18 38.89 26.88
CA TYR A 34 24.09 39.75 25.72
C TYR A 34 25.51 39.94 25.18
N TYR A 35 25.68 39.81 23.87
CA TYR A 35 26.99 39.95 23.25
C TYR A 35 26.94 40.96 22.12
N GLN A 36 27.89 41.91 22.15
CA GLN A 36 28.03 42.89 21.09
C GLN A 36 28.78 42.28 19.91
N MET A 37 28.13 42.21 18.76
CA MET A 37 28.77 41.70 17.57
C MET A 37 29.05 42.83 16.57
N VAL A 41 23.98 43.83 19.24
CA VAL A 41 23.84 43.09 20.50
C VAL A 41 22.79 41.96 20.39
N LYS A 42 23.23 40.72 20.49
CA LYS A 42 22.35 39.55 20.44
C LYS A 42 22.15 38.96 21.83
N THR A 43 20.93 38.50 22.10
CA THR A 43 20.62 37.84 23.35
C THR A 43 21.17 36.41 23.28
N VAL A 44 21.95 36.01 24.28
CA VAL A 44 22.71 34.76 24.18
C VAL A 44 22.51 33.89 25.40
N ALA A 45 22.68 32.58 25.20
CA ALA A 45 22.79 31.60 26.27
C ALA A 45 24.25 31.19 26.36
N VAL A 46 24.81 31.19 27.56
CA VAL A 46 26.24 30.99 27.77
C VAL A 46 26.43 29.80 28.69
N LYS A 47 27.11 28.78 28.18
CA LYS A 47 27.48 27.61 28.96
C LYS A 47 28.85 27.86 29.59
N ILE A 48 28.91 27.92 30.92
CA ILE A 48 30.10 28.32 31.65
C ILE A 48 30.64 27.11 32.38
N LEU A 49 31.84 26.67 32.00
CA LEU A 49 32.41 25.49 32.63
C LEU A 49 32.78 25.79 34.09
N LYS A 50 32.51 24.81 34.95
CA LYS A 50 32.77 24.98 36.38
C LYS A 50 34.27 24.98 36.66
N ASN A 51 34.63 25.59 37.79
CA ASN A 51 35.97 25.48 38.36
C ASN A 51 37.03 25.85 37.32
N GLU A 52 36.79 26.96 36.62
CA GLU A 52 37.73 27.53 35.66
C GLU A 52 38.11 26.55 34.55
N ALA A 53 37.21 25.61 34.25
CA ALA A 53 37.45 24.60 33.22
C ALA A 53 38.73 23.81 33.50
N ASN A 54 38.97 23.48 34.77
CA ASN A 54 40.12 22.66 35.09
C ASN A 54 39.97 21.24 34.54
N ASP A 55 38.73 20.77 34.37
CA ASP A 55 38.42 19.38 34.00
C ASP A 55 38.63 19.17 32.50
N PRO A 56 39.64 18.37 32.10
CA PRO A 56 39.95 18.21 30.68
C PRO A 56 38.80 17.64 29.85
N ALA A 57 37.97 16.77 30.43
CA ALA A 57 36.86 16.25 29.66
C ALA A 57 35.82 17.32 29.39
N LEU A 58 35.70 18.31 30.28
CA LEU A 58 34.79 19.43 30.03
C LEU A 58 35.32 20.33 28.92
N LYS A 59 36.63 20.57 28.90
CA LYS A 59 37.20 21.37 27.82
C LYS A 59 37.07 20.66 26.48
N ASP A 60 37.33 19.34 26.46
CA ASP A 60 37.24 18.60 25.22
C ASP A 60 35.81 18.61 24.67
N GLU A 61 34.83 18.43 25.55
CA GLU A 61 33.44 18.49 25.09
C GLU A 61 33.09 19.85 24.52
N LEU A 62 33.50 20.93 25.21
CA LEU A 62 33.22 22.27 24.73
C LEU A 62 33.88 22.52 23.37
N LEU A 63 35.12 22.04 23.21
CA LEU A 63 35.81 22.19 21.94
C LEU A 63 35.09 21.41 20.84
N ALA A 64 34.67 20.17 21.14
CA ALA A 64 34.05 19.32 20.12
C ALA A 64 32.67 19.85 19.72
N GLU A 65 31.83 20.20 20.70
CA GLU A 65 30.51 20.69 20.34
C GLU A 65 30.59 22.04 19.62
N ALA A 66 31.59 22.86 19.97
CA ALA A 66 31.78 24.12 19.25
C ALA A 66 32.24 23.88 17.83
N ASN A 67 33.11 22.88 17.61
CA ASN A 67 33.61 22.63 16.27
C ASN A 67 32.52 22.06 15.37
N VAL A 68 31.61 21.25 15.92
CA VAL A 68 30.48 20.78 15.12
C VAL A 68 29.57 21.96 14.78
N MET A 69 29.13 22.70 15.80
CA MET A 69 28.16 23.78 15.58
C MET A 69 28.64 24.78 14.54
N GLN A 70 29.95 25.04 14.48
CA GLN A 70 30.48 26.00 13.52
C GLN A 70 30.17 25.59 12.09
N GLN A 71 30.06 24.29 11.83
CA GLN A 71 29.81 23.80 10.48
C GLN A 71 28.34 23.72 10.12
N LEU A 72 27.43 23.87 11.08
CA LEU A 72 26.00 23.69 10.84
C LEU A 72 25.30 25.05 10.74
N ASP A 73 24.33 25.12 9.82
CA ASP A 73 23.49 26.31 9.66
C ASP A 73 22.10 25.86 9.25
N ASN A 74 21.17 25.84 10.22
CA ASN A 74 19.83 25.34 9.98
C ASN A 74 18.89 25.97 10.99
N PRO A 75 17.67 26.32 10.60
CA PRO A 75 16.77 27.02 11.53
C PRO A 75 16.42 26.20 12.76
N TYR A 76 16.59 24.87 12.72
CA TYR A 76 16.21 23.99 13.81
C TYR A 76 17.42 23.47 14.58
N ILE A 77 18.56 24.13 14.43
CA ILE A 77 19.78 23.80 15.17
C ILE A 77 20.31 25.07 15.82
N VAL A 78 20.72 24.95 17.09
CA VAL A 78 21.20 26.12 17.82
C VAL A 78 22.45 26.67 17.16
N ARG A 79 22.48 27.97 16.93
CA ARG A 79 23.64 28.63 16.35
C ARG A 79 24.63 29.04 17.43
N MET A 80 25.91 28.79 17.16
CA MET A 80 26.99 29.18 18.06
C MET A 80 27.46 30.59 17.73
N ILE A 81 27.67 31.40 18.77
CA ILE A 81 28.32 32.69 18.56
C ILE A 81 29.83 32.56 18.62
N GLY A 82 30.33 31.90 19.65
CA GLY A 82 31.75 31.63 19.75
C GLY A 82 32.13 31.12 21.12
N ILE A 83 33.44 30.98 21.32
CA ILE A 83 34.03 30.57 22.59
C ILE A 83 34.64 31.80 23.24
N CYS A 84 34.52 31.90 24.56
CA CYS A 84 35.16 32.97 25.31
C CYS A 84 36.00 32.34 26.40
N GLU A 85 37.32 32.54 26.32
CA GLU A 85 38.25 32.06 27.34
C GLU A 85 38.53 33.21 28.31
N ALA A 86 37.80 33.24 29.41
CA ALA A 86 37.89 34.34 30.36
C ALA A 86 38.10 33.80 31.76
N GLU A 87 37.28 34.24 32.72
CA GLU A 87 37.38 33.68 34.07
C GLU A 87 37.13 32.18 34.06
N SER A 88 36.34 31.69 33.11
CA SER A 88 36.30 30.28 32.78
C SER A 88 36.05 30.16 31.28
N TRP A 89 36.05 28.93 30.78
CA TRP A 89 35.66 28.69 29.40
C TRP A 89 34.15 28.84 29.25
N MET A 90 33.74 29.54 28.19
CA MET A 90 32.34 29.88 27.98
C MET A 90 31.97 29.64 26.52
N LEU A 91 30.89 28.91 26.31
CA LEU A 91 30.34 28.67 24.99
C LEU A 91 29.12 29.57 24.81
N VAL A 92 29.20 30.50 23.87
CA VAL A 92 28.17 31.52 23.68
C VAL A 92 27.32 31.14 22.47
N MET A 93 26.03 30.92 22.71
CA MET A 93 25.08 30.49 21.69
C MET A 93 23.91 31.47 21.61
N GLU A 94 23.13 31.35 20.55
CA GLU A 94 21.89 32.11 20.46
C GLU A 94 20.90 31.59 21.48
N MET A 95 20.20 32.50 22.15
CA MET A 95 19.28 32.11 23.20
C MET A 95 18.03 31.44 22.64
N ALA A 96 17.70 30.27 23.17
CA ALA A 96 16.37 29.65 23.05
C ALA A 96 15.71 29.83 24.41
N GLU A 97 14.80 30.82 24.49
CA GLU A 97 14.38 31.38 25.78
C GLU A 97 13.81 30.33 26.72
N LEU A 98 13.11 29.33 26.21
CA LEU A 98 12.29 28.50 27.08
C LEU A 98 13.02 27.27 27.60
N GLY A 99 14.19 26.95 27.04
CA GLY A 99 15.03 25.93 27.63
C GLY A 99 14.68 24.52 27.20
N PRO A 100 15.24 23.56 27.93
CA PRO A 100 15.11 22.15 27.52
C PRO A 100 13.65 21.70 27.44
N LEU A 101 13.37 20.92 26.40
CA LEU A 101 12.00 20.51 26.10
C LEU A 101 11.41 19.64 27.20
N ASN A 102 12.21 18.74 27.79
CA ASN A 102 11.67 17.82 28.79
C ASN A 102 11.26 18.55 30.07
N LYS A 103 12.11 19.48 30.53
CA LYS A 103 11.76 20.28 31.70
C LYS A 103 10.53 21.13 31.42
N TYR A 104 10.40 21.65 30.20
CA TYR A 104 9.26 22.50 29.85
C TYR A 104 7.95 21.72 29.92
N LEU A 105 7.93 20.52 29.33
CA LEU A 105 6.70 19.72 29.33
C LEU A 105 6.34 19.24 30.72
N GLN A 106 7.33 18.97 31.58
CA GLN A 106 7.04 18.63 32.96
C GLN A 106 6.29 19.77 33.65
N GLN A 107 6.65 21.01 33.33
CA GLN A 107 6.03 22.16 33.97
C GLN A 107 4.81 22.69 33.24
N ASN A 108 4.52 22.19 32.03
CA ASN A 108 3.39 22.67 31.24
C ASN A 108 2.63 21.46 30.69
N ARG A 109 1.87 20.81 31.58
CA ARG A 109 1.08 19.63 31.22
C ARG A 109 -0.07 19.96 30.27
N HIS A 110 -0.36 21.24 30.05
CA HIS A 110 -1.47 21.66 29.22
C HIS A 110 -1.17 21.61 27.73
N VAL A 111 0.11 21.47 27.34
CA VAL A 111 0.46 21.50 25.92
C VAL A 111 -0.31 20.41 25.18
N LYS A 112 -0.92 20.80 24.07
CA LYS A 112 -1.83 19.91 23.34
C LYS A 112 -1.04 19.00 22.40
N ASP A 113 -1.62 17.82 22.13
CA ASP A 113 -0.94 16.81 21.32
C ASP A 113 -0.52 17.37 19.96
N LYS A 114 -1.36 18.23 19.37
CA LYS A 114 -1.00 18.86 18.11
C LYS A 114 0.26 19.71 18.25
N ASN A 115 0.42 20.36 19.40
CA ASN A 115 1.61 21.16 19.66
C ASN A 115 2.85 20.28 19.78
N ILE A 116 2.70 19.10 20.40
CA ILE A 116 3.82 18.19 20.52
C ILE A 116 4.28 17.71 19.15
N ILE A 117 3.32 17.47 18.24
CA ILE A 117 3.67 17.03 16.88
C ILE A 117 4.45 18.10 16.14
N GLU A 118 3.98 19.35 16.24
CA GLU A 118 4.68 20.47 15.60
C GLU A 118 6.14 20.52 16.06
N LEU A 119 6.36 20.39 17.36
CA LEU A 119 7.71 20.50 17.90
C LEU A 119 8.57 19.31 17.44
N VAL A 120 8.08 18.09 17.61
CA VAL A 120 8.89 16.94 17.22
C VAL A 120 9.10 16.90 15.71
N HIS A 121 8.16 17.44 14.93
CA HIS A 121 8.40 17.50 13.49
C HIS A 121 9.56 18.43 13.18
N GLN A 122 9.62 19.58 13.87
CA GLN A 122 10.75 20.49 13.67
C GLN A 122 12.08 19.82 14.01
N VAL A 123 12.10 19.00 15.07
CA VAL A 123 13.32 18.25 15.39
C VAL A 123 13.68 17.29 14.27
N SER A 124 12.68 16.65 13.65
CA SER A 124 12.97 15.79 12.51
C SER A 124 13.54 16.58 11.34
N MET A 125 13.16 17.86 11.20
CA MET A 125 13.70 18.67 10.12
C MET A 125 15.17 19.02 10.37
N GLY A 126 15.51 19.36 11.62
CA GLY A 126 16.90 19.57 11.97
C GLY A 126 17.72 18.30 11.84
N MET A 127 17.12 17.15 12.17
CA MET A 127 17.84 15.88 12.04
C MET A 127 17.95 15.43 10.59
N LYS A 128 16.95 15.73 9.76
CA LYS A 128 17.07 15.46 8.34
C LYS A 128 18.19 16.29 7.73
N TYR A 129 18.34 17.53 8.20
CA TYR A 129 19.46 18.36 7.76
C TYR A 129 20.79 17.77 8.23
N LEU A 130 20.86 17.34 9.49
CA LEU A 130 22.06 16.70 9.99
C LEU A 130 22.38 15.43 9.20
N GLU A 131 21.36 14.62 8.90
CA GLU A 131 21.53 13.40 8.14
C GLU A 131 22.16 13.68 6.77
N GLU A 132 21.64 14.67 6.04
CA GLU A 132 22.17 14.97 4.71
C GLU A 132 23.46 15.79 4.76
N SER A 133 23.88 16.25 5.94
CA SER A 133 25.19 16.86 6.15
C SER A 133 26.26 15.86 6.58
N ASN A 134 25.90 14.59 6.72
CA ASN A 134 26.82 13.52 7.13
C ASN A 134 27.31 13.69 8.57
N PHE A 135 26.41 14.10 9.46
CA PHE A 135 26.69 14.17 10.88
C PHE A 135 25.77 13.22 11.63
N VAL A 136 26.30 12.58 12.66
CA VAL A 136 25.50 11.83 13.62
C VAL A 136 25.54 12.57 14.95
N HIS A 137 24.37 12.74 15.57
CA HIS A 137 24.28 13.49 16.83
C HIS A 137 24.77 12.65 18.01
N ARG A 138 24.25 11.43 18.13
CA ARG A 138 24.60 10.43 19.14
C ARG A 138 24.19 10.81 20.56
N ASP A 139 23.36 11.85 20.73
CA ASP A 139 22.83 12.20 22.05
C ASP A 139 21.44 12.84 21.89
N LEU A 140 20.65 12.32 20.96
CA LEU A 140 19.37 12.94 20.61
C LEU A 140 18.33 12.53 21.66
N ALA A 141 18.11 13.39 22.64
CA ALA A 141 17.16 13.18 23.72
C ALA A 141 16.38 14.48 23.94
N ALA A 142 15.20 14.35 24.56
CA ALA A 142 14.33 15.51 24.74
C ALA A 142 15.00 16.62 25.54
N ARG A 143 15.93 16.27 26.45
CA ARG A 143 16.68 17.28 27.18
C ARG A 143 17.59 18.09 26.26
N ASN A 144 17.91 17.57 25.08
CA ASN A 144 18.79 18.27 24.15
C ASN A 144 18.02 18.94 23.03
N VAL A 145 16.70 19.10 23.20
CA VAL A 145 15.88 19.97 22.37
C VAL A 145 15.53 21.17 23.23
N LEU A 146 15.76 22.36 22.68
CA LEU A 146 15.54 23.60 23.39
C LEU A 146 14.46 24.40 22.69
N LEU A 147 13.63 25.08 23.48
CA LEU A 147 12.48 25.81 22.96
C LEU A 147 12.80 27.29 22.87
N VAL A 148 12.80 27.81 21.63
CA VAL A 148 12.79 29.25 21.42
C VAL A 148 11.46 29.84 21.86
N THR A 149 10.36 29.28 21.36
CA THR A 149 9.02 29.49 21.88
C THR A 149 8.36 28.13 22.04
N GLN A 150 7.11 28.13 22.52
CA GLN A 150 6.36 26.89 22.60
C GLN A 150 6.06 26.30 21.22
N HIS A 151 6.36 27.05 20.14
CA HIS A 151 6.09 26.55 18.78
C HIS A 151 7.34 26.54 17.90
N TYR A 152 8.53 26.52 18.50
CA TYR A 152 9.77 26.56 17.74
C TYR A 152 10.86 25.89 18.56
N ALA A 153 11.29 24.71 18.14
CA ALA A 153 12.31 23.95 18.82
C ALA A 153 13.61 23.94 18.01
N LYS A 154 14.73 23.84 18.72
CA LYS A 154 16.05 23.69 18.11
C LYS A 154 16.82 22.58 18.83
N ILE A 155 17.69 21.90 18.08
CA ILE A 155 18.53 20.83 18.62
C ILE A 155 19.83 21.43 19.13
N SER A 156 20.29 20.97 20.29
CA SER A 156 21.55 21.46 20.84
C SER A 156 22.42 20.28 21.27
N ASP A 157 23.46 20.58 22.06
CA ASP A 157 24.28 19.59 22.77
C ASP A 157 24.96 18.61 21.80
N PHE A 158 25.86 19.18 20.99
CA PHE A 158 26.59 18.42 19.98
C PHE A 158 27.91 17.86 20.50
N GLY A 159 28.05 17.64 21.81
CA GLY A 159 29.31 17.17 22.36
C GLY A 159 29.69 15.76 21.95
N LEU A 160 28.72 14.92 21.61
CA LEU A 160 29.00 13.57 21.13
C LEU A 160 28.87 13.44 19.63
N SER A 161 28.58 14.54 18.93
CA SER A 161 28.31 14.47 17.50
C SER A 161 29.58 14.21 16.71
N LYS A 162 29.43 13.48 15.61
CA LYS A 162 30.55 13.14 14.75
C LYS A 162 30.15 13.34 13.29
N ALA A 163 31.12 13.75 12.49
CA ALA A 163 30.97 13.77 11.04
C ALA A 163 31.35 12.41 10.49
N LEU A 164 30.48 11.86 9.63
CA LEU A 164 30.78 10.56 9.03
C LEU A 164 31.90 10.68 8.00
N ARG A 165 32.70 9.63 7.89
CA ARG A 165 33.74 9.56 6.87
C ARG A 165 33.14 9.11 5.55
N ALA A 166 33.77 9.56 4.46
CA ALA A 166 33.28 9.21 3.13
C ALA A 166 33.45 7.73 2.80
N ASP A 167 34.41 7.04 3.42
CA ASP A 167 34.57 5.61 3.20
C ASP A 167 33.73 4.77 4.15
N GLU A 168 32.77 5.37 4.84
CA GLU A 168 32.01 4.68 5.87
C GLU A 168 30.52 4.97 5.79
N TYR A 170 28.47 4.68 9.03
CA TYR A 170 28.69 4.14 10.36
C TYR A 170 29.95 4.70 11.01
N TYR A 171 29.75 5.35 12.15
CA TYR A 171 30.85 5.77 13.02
C TYR A 171 31.07 4.70 14.09
N LYS A 172 32.30 4.23 14.21
CA LYS A 172 32.68 3.22 15.19
C LYS A 172 33.33 3.88 16.39
N ALA A 173 32.72 3.70 17.56
CA ALA A 173 33.28 4.22 18.80
C ALA A 173 34.46 3.36 19.26
N GLY A 177 33.59 8.41 26.93
CA GLY A 177 32.85 9.40 27.68
C GLY A 177 31.45 8.97 28.04
N LYS A 178 30.48 9.85 27.80
CA LYS A 178 29.11 9.56 28.16
C LYS A 178 28.56 8.47 27.27
N TRP A 179 27.64 7.68 27.83
CA TRP A 179 27.04 6.55 27.12
C TRP A 179 25.57 6.47 27.52
N PRO A 180 24.71 7.27 26.86
CA PRO A 180 23.27 7.32 27.21
C PRO A 180 22.52 6.14 26.59
N VAL A 181 22.63 5.00 27.29
CA VAL A 181 22.23 3.72 26.73
C VAL A 181 20.73 3.66 26.44
N LYS A 182 19.92 4.40 27.20
CA LYS A 182 18.48 4.30 27.00
C LYS A 182 18.00 4.96 25.71
N TRP A 183 18.87 5.70 25.02
CA TRP A 183 18.55 6.31 23.73
C TRP A 183 19.23 5.61 22.56
N TYR A 184 20.02 4.58 22.82
CA TYR A 184 20.89 4.00 21.81
C TYR A 184 20.25 2.78 21.17
N ALA A 185 20.43 2.65 19.86
CA ALA A 185 19.89 1.54 19.09
C ALA A 185 20.66 0.25 19.39
N PRO A 186 20.10 -0.91 19.04
CA PRO A 186 20.81 -2.18 19.31
C PRO A 186 22.19 -2.26 18.68
N GLU A 187 22.39 -1.73 17.48
CA GLU A 187 23.71 -1.80 16.88
C GLU A 187 24.71 -0.86 17.56
N CYS A 188 24.23 0.16 18.28
CA CYS A 188 25.15 0.97 19.07
C CYS A 188 25.60 0.21 20.31
N ILE A 189 24.65 -0.40 21.02
CA ILE A 189 24.97 -1.15 22.23
C ILE A 189 25.90 -2.31 21.91
N ASN A 190 25.59 -3.07 20.88
CA ASN A 190 26.29 -4.33 20.66
C ASN A 190 27.51 -4.20 19.78
N TYR A 191 27.53 -3.23 18.87
CA TYR A 191 28.61 -3.11 17.91
C TYR A 191 29.29 -1.74 17.95
N TYR A 192 28.86 -0.83 18.82
CA TYR A 192 29.41 0.52 18.90
C TYR A 192 29.31 1.26 17.56
N LYS A 193 28.35 0.90 16.72
CA LYS A 193 28.19 1.50 15.41
C LYS A 193 27.09 2.54 15.46
N PHE A 194 27.42 3.76 15.07
CA PHE A 194 26.50 4.89 15.11
C PHE A 194 26.28 5.41 13.70
N SER A 195 25.02 5.63 13.33
CA SER A 195 24.64 6.09 12.01
C SER A 195 23.47 7.06 12.16
N SER A 196 23.05 7.65 11.04
CA SER A 196 21.81 8.42 11.08
C SER A 196 20.63 7.56 11.51
N LYS A 197 20.63 6.28 11.10
CA LYS A 197 19.59 5.36 11.56
C LYS A 197 19.66 5.14 13.07
N SER A 198 20.87 5.18 13.64
CA SER A 198 21.01 5.16 15.10
C SER A 198 20.34 6.38 15.73
N ASP A 199 20.55 7.56 15.14
CA ASP A 199 19.84 8.75 15.60
C ASP A 199 18.32 8.61 15.45
N VAL A 200 17.85 7.89 14.42
CA VAL A 200 16.42 7.72 14.23
C VAL A 200 15.80 6.92 15.39
N TRP A 201 16.51 5.91 15.88
CA TRP A 201 16.06 5.18 17.06
C TRP A 201 15.98 6.11 18.26
N SER A 202 17.03 6.90 18.47
CA SER A 202 17.01 7.89 19.55
C SER A 202 15.85 8.86 19.38
N PHE A 203 15.53 9.23 18.14
CA PHE A 203 14.41 10.13 17.91
C PHE A 203 13.10 9.50 18.37
N GLY A 204 12.94 8.18 18.19
CA GLY A 204 11.77 7.49 18.70
C GLY A 204 11.63 7.59 20.22
N VAL A 205 12.74 7.38 20.93
CA VAL A 205 12.76 7.60 22.36
C VAL A 205 12.38 9.05 22.68
N LEU A 206 12.93 10.00 21.92
CA LEU A 206 12.63 11.41 22.16
C LEU A 206 11.13 11.70 21.97
N MET A 207 10.53 11.13 20.92
CA MET A 207 9.09 11.29 20.74
C MET A 207 8.33 10.73 21.93
N TRP A 208 8.80 9.61 22.48
CA TRP A 208 8.13 9.03 23.63
C TRP A 208 8.23 9.96 24.84
N GLU A 209 9.41 10.55 25.06
CA GLU A 209 9.57 11.52 26.13
C GLU A 209 8.58 12.67 25.98
N ALA A 210 8.44 13.19 24.75
CA ALA A 210 7.63 14.37 24.51
C ALA A 210 6.15 14.10 24.75
N PHE A 211 5.64 12.95 24.26
CA PHE A 211 4.25 12.63 24.54
C PHE A 211 4.06 12.18 25.98
N SER A 212 5.13 11.82 26.68
CA SER A 212 5.09 11.53 28.11
C SER A 212 5.38 12.76 28.97
N TYR A 213 5.38 13.95 28.37
CA TYR A 213 5.61 15.22 29.07
C TYR A 213 6.87 15.19 29.94
N GLY A 214 7.96 14.71 29.34
CA GLY A 214 9.27 14.80 29.96
C GLY A 214 9.60 13.73 30.97
N GLN A 215 8.86 12.62 30.96
CA GLN A 215 9.23 11.48 31.77
C GLN A 215 10.51 10.85 31.21
N LYS A 216 11.39 10.42 32.10
CA LYS A 216 12.57 9.68 31.68
C LYS A 216 12.17 8.33 31.09
N PRO A 217 12.83 7.87 30.04
CA PRO A 217 12.52 6.55 29.48
C PRO A 217 13.10 5.41 30.31
N TYR A 218 12.41 4.27 30.25
CA TYR A 218 12.80 3.06 30.96
C TYR A 218 13.10 3.35 32.43
N ARG A 219 12.18 4.04 33.08
CA ARG A 219 12.36 4.38 34.49
C ARG A 219 12.59 3.13 35.34
N GLY A 220 13.61 3.20 36.21
CA GLY A 220 13.89 2.11 37.10
C GLY A 220 14.58 0.91 36.49
N MET A 221 15.14 1.04 35.29
CA MET A 221 15.79 -0.07 34.63
C MET A 221 17.29 0.19 34.48
N LYS A 222 18.08 -0.87 34.62
CA LYS A 222 19.52 -0.77 34.38
C LYS A 222 19.80 -0.92 32.89
N GLY A 223 21.04 -0.59 32.50
CA GLY A 223 21.39 -0.64 31.09
C GLY A 223 21.15 -2.01 30.49
N SER A 224 21.66 -3.06 31.13
CA SER A 224 21.50 -4.41 30.62
C SER A 224 20.05 -4.87 30.65
N GLU A 225 19.22 -4.28 31.52
CA GLU A 225 17.81 -4.64 31.52
C GLU A 225 17.10 -4.07 30.30
N VAL A 226 17.46 -2.85 29.88
CA VAL A 226 16.90 -2.29 28.67
C VAL A 226 17.33 -3.08 27.45
N THR A 227 18.60 -3.47 27.39
CA THR A 227 19.14 -4.19 26.24
C THR A 227 18.45 -5.54 26.07
N ALA A 228 18.31 -6.30 27.15
CA ALA A 228 17.58 -7.56 27.06
C ALA A 228 16.14 -7.33 26.65
N MET A 229 15.50 -6.30 27.20
CA MET A 229 14.11 -5.99 26.86
C MET A 229 13.96 -5.79 25.37
N LEU A 230 14.82 -4.97 24.77
CA LEU A 230 14.71 -4.68 23.35
C LEU A 230 15.00 -5.91 22.50
N GLU A 231 15.99 -6.73 22.90
CA GLU A 231 16.32 -7.90 22.09
C GLU A 231 15.15 -8.89 22.03
N LYS A 232 14.32 -8.92 23.09
CA LYS A 232 13.09 -9.70 23.12
C LYS A 232 11.97 -9.08 22.29
N GLY A 233 12.19 -7.93 21.67
CA GLY A 233 11.15 -7.27 20.91
C GLY A 233 10.19 -6.44 21.73
N GLU A 234 10.39 -6.32 23.04
CA GLU A 234 9.56 -5.47 23.86
C GLU A 234 9.98 -4.02 23.74
N ARG A 235 9.01 -3.11 23.89
CA ARG A 235 9.20 -1.68 23.73
C ARG A 235 8.44 -0.96 24.83
N MET A 236 8.81 0.31 25.07
CA MET A 236 8.01 1.14 25.96
C MET A 236 6.58 1.24 25.44
N GLY A 237 5.64 1.44 26.37
CA GLY A 237 4.25 1.52 26.00
C GLY A 237 3.82 2.87 25.45
N CYS A 238 2.59 2.90 24.99
CA CYS A 238 2.03 4.13 24.43
C CYS A 238 1.77 5.12 25.56
N PRO A 239 2.38 6.31 25.53
CA PRO A 239 2.04 7.33 26.53
C PRO A 239 0.56 7.69 26.44
N ALA A 240 -0.02 7.97 27.60
CA ALA A 240 -1.41 8.39 27.66
C ALA A 240 -1.66 9.59 26.75
N GLY A 241 -2.74 9.53 25.98
CA GLY A 241 -3.11 10.58 25.05
C GLY A 241 -2.28 10.64 23.79
N CYS A 242 -1.34 9.72 23.60
CA CYS A 242 -0.56 9.72 22.38
C CYS A 242 -1.39 9.12 21.25
N PRO A 243 -1.55 9.82 20.13
CA PRO A 243 -2.29 9.22 19.00
C PRO A 243 -1.59 7.99 18.47
N ARG A 244 -2.41 7.03 18.00
CA ARG A 244 -1.88 5.75 17.55
C ARG A 244 -0.85 5.90 16.44
N GLU A 245 -1.10 6.81 15.49
CA GLU A 245 -0.16 7.04 14.40
C GLU A 245 1.20 7.48 14.90
N MET A 246 1.23 8.29 15.97
CA MET A 246 2.51 8.68 16.54
C MET A 246 3.18 7.52 17.26
N TYR A 247 2.41 6.71 17.99
CA TYR A 247 2.99 5.54 18.64
C TYR A 247 3.47 4.53 17.61
N ASP A 248 2.76 4.42 16.47
CA ASP A 248 3.24 3.59 15.37
C ASP A 248 4.57 4.11 14.85
N LEU A 249 4.71 5.43 14.72
CA LEU A 249 5.96 6.01 14.24
C LEU A 249 7.11 5.72 15.20
N MET A 250 6.85 5.82 16.51
CA MET A 250 7.85 5.43 17.50
C MET A 250 8.29 3.98 17.30
N ASN A 251 7.34 3.08 17.04
CA ASN A 251 7.72 1.69 16.85
C ASN A 251 8.50 1.49 15.57
N LEU A 252 8.19 2.27 14.53
CA LEU A 252 8.98 2.24 13.29
C LEU A 252 10.41 2.72 13.54
N CYS A 253 10.57 3.82 14.28
CA CYS A 253 11.92 4.25 14.66
C CYS A 253 12.64 3.18 15.47
N TRP A 254 11.89 2.41 16.27
CA TRP A 254 12.45 1.30 17.04
C TRP A 254 12.48 0.00 16.24
N THR A 255 12.57 0.07 14.91
CA THR A 255 12.78 -1.14 14.12
C THR A 255 14.17 -1.69 14.43
N TYR A 256 14.21 -2.97 14.85
CA TYR A 256 15.48 -3.55 15.31
C TYR A 256 16.55 -3.52 14.22
N ASP A 257 16.19 -3.90 12.99
CA ASP A 257 17.17 -4.03 11.92
C ASP A 257 17.50 -2.67 11.31
N VAL A 258 18.80 -2.41 11.10
CA VAL A 258 19.24 -1.09 10.67
C VAL A 258 18.71 -0.75 9.28
N GLU A 259 18.71 -1.72 8.37
CA GLU A 259 18.29 -1.43 7.00
C GLU A 259 16.78 -1.29 6.87
N ASN A 260 16.01 -1.96 7.73
CA ASN A 260 14.57 -1.76 7.67
C ASN A 260 14.10 -0.56 8.48
N ARG A 261 14.98 0.04 9.29
CA ARG A 261 14.64 1.27 9.97
C ARG A 261 14.60 2.43 8.96
N PRO A 262 13.63 3.33 9.07
CA PRO A 262 13.59 4.47 8.15
C PRO A 262 14.64 5.52 8.49
N GLY A 263 15.06 6.26 7.47
CA GLY A 263 15.88 7.45 7.65
C GLY A 263 15.04 8.67 8.01
N PHE A 264 15.72 9.80 8.24
CA PHE A 264 14.99 10.99 8.68
C PHE A 264 14.18 11.61 7.55
N ALA A 265 14.60 11.43 6.29
CA ALA A 265 13.77 11.88 5.18
C ALA A 265 12.37 11.28 5.26
N ALA A 266 12.29 9.96 5.50
CA ALA A 266 10.99 9.31 5.64
C ALA A 266 10.30 9.73 6.94
N VAL A 267 11.04 9.78 8.04
CA VAL A 267 10.44 10.15 9.33
C VAL A 267 9.90 11.58 9.27
N GLU A 268 10.69 12.52 8.74
CA GLU A 268 10.22 13.90 8.60
C GLU A 268 8.96 13.98 7.73
N LEU A 269 8.91 13.20 6.66
CA LEU A 269 7.78 13.26 5.73
C LEU A 269 6.51 12.74 6.40
N ARG A 270 6.63 11.69 7.22
CA ARG A 270 5.48 11.17 7.92
C ARG A 270 4.97 12.14 8.98
N LEU A 271 5.89 12.82 9.68
CA LEU A 271 5.47 13.82 10.65
C LEU A 271 4.82 15.02 9.97
N ARG A 272 5.38 15.46 8.84
CA ARG A 272 4.81 16.57 8.09
C ARG A 272 3.40 16.25 7.63
N ASN A 273 3.23 15.10 6.96
CA ASN A 273 1.92 14.71 6.45
C ASN A 273 0.92 14.55 7.60
N TYR A 274 1.35 13.97 8.72
CA TYR A 274 0.41 13.78 9.82
C TYR A 274 0.02 15.11 10.46
N TYR A 275 0.96 16.05 10.57
CA TYR A 275 0.62 17.33 11.16
C TYR A 275 -0.45 18.06 10.34
N TYR A 276 -0.27 18.10 9.02
CA TYR A 276 -1.25 18.77 8.16
C TYR A 276 -2.64 18.17 8.27
N ASP A 277 -2.74 16.90 8.67
CA ASP A 277 -4.04 16.28 8.88
C ASP A 277 -4.68 16.64 10.22
N VAL A 278 -3.85 16.91 11.25
CA VAL A 278 -4.38 17.18 12.58
C VAL A 278 -5.17 18.49 12.59
N VAL A 279 -4.72 19.47 11.82
CA VAL A 279 -5.44 20.73 11.69
C VAL A 279 -5.79 21.00 10.22
N TYR B 9 7.94 40.17 -7.09
CA TYR B 9 8.80 41.30 -7.44
C TYR B 9 8.03 42.61 -7.36
N LEU B 10 7.07 42.68 -6.45
CA LEU B 10 6.29 43.90 -6.24
C LEU B 10 6.99 44.83 -5.27
N ASP B 11 6.64 46.11 -5.35
CA ASP B 11 7.19 47.15 -4.48
C ASP B 11 6.38 47.18 -3.18
N ARG B 12 7.02 46.82 -2.06
CA ARG B 12 6.34 46.84 -0.78
C ARG B 12 5.74 48.20 -0.46
N LYS B 13 6.41 49.28 -0.89
CA LYS B 13 5.93 50.62 -0.60
C LYS B 13 4.61 50.94 -1.27
N LEU B 14 4.25 50.20 -2.32
CA LEU B 14 3.00 50.43 -3.02
C LEU B 14 1.86 49.60 -2.44
N LEU B 15 2.17 48.74 -1.47
CA LEU B 15 1.21 47.82 -0.87
C LEU B 15 0.86 48.31 0.52
N THR B 16 -0.44 48.32 0.84
CA THR B 16 -0.90 48.55 2.20
C THR B 16 -1.82 47.39 2.58
N LEU B 17 -1.84 47.07 3.87
CA LEU B 17 -2.55 45.90 4.37
C LEU B 17 -3.51 46.33 5.46
N GLU B 18 -4.71 45.76 5.42
CA GLU B 18 -5.66 45.95 6.53
C GLU B 18 -5.12 45.24 7.77
N ASP B 19 -5.55 45.73 8.94
CA ASP B 19 -4.97 45.26 10.20
C ASP B 19 -5.48 43.87 10.57
N LYS B 20 -6.79 43.64 10.44
CA LYS B 20 -7.38 42.36 10.82
C LYS B 20 -7.17 41.32 9.72
N GLU B 21 -6.93 40.09 10.14
CA GLU B 21 -6.73 38.98 9.20
C GLU B 21 -8.05 38.43 8.73
N LEU B 22 -8.15 38.19 7.41
CA LEU B 22 -9.29 37.44 6.88
C LEU B 22 -9.32 36.00 7.39
N GLY B 23 -8.15 35.40 7.52
CA GLY B 23 -8.05 34.03 7.97
C GLY B 23 -6.60 33.65 8.17
N SER B 24 -6.39 32.53 8.85
CA SER B 24 -5.05 32.06 9.19
C SER B 24 -4.98 30.55 9.02
N GLY B 25 -3.80 30.00 9.29
CA GLY B 25 -3.55 28.58 9.08
C GLY B 25 -2.09 28.35 8.78
N THR B 29 -1.44 33.18 7.16
CA THR B 29 -2.28 34.38 7.30
C THR B 29 -2.69 34.99 5.95
N VAL B 30 -3.97 35.31 5.81
CA VAL B 30 -4.53 35.95 4.62
C VAL B 30 -5.11 37.30 5.02
N LYS B 31 -4.76 38.36 4.28
CA LYS B 31 -5.18 39.72 4.60
C LYS B 31 -5.73 40.44 3.38
N LYS B 32 -6.68 41.35 3.63
CA LYS B 32 -7.13 42.29 2.61
C LYS B 32 -6.13 43.42 2.54
N GLY B 33 -5.91 43.93 1.33
CA GLY B 33 -4.95 45.00 1.13
C GLY B 33 -5.20 45.74 -0.16
N TYR B 34 -4.28 46.65 -0.46
CA TYR B 34 -4.43 47.53 -1.61
C TYR B 34 -3.08 47.70 -2.26
N TYR B 35 -3.02 47.54 -3.59
CA TYR B 35 -1.77 47.66 -4.33
C TYR B 35 -1.90 48.70 -5.44
N GLN B 36 -1.01 49.68 -5.43
CA GLN B 36 -1.03 50.77 -6.42
C GLN B 36 -0.62 50.28 -7.80
N LYS B 39 -2.76 55.73 -10.65
CA LYS B 39 -3.70 56.60 -9.92
C LYS B 39 -4.74 55.75 -9.18
N VAL B 40 -4.89 54.51 -9.62
CA VAL B 40 -5.87 53.60 -9.03
C VAL B 40 -5.12 52.56 -8.23
N VAL B 41 -5.80 52.03 -7.22
CA VAL B 41 -5.25 50.98 -6.38
C VAL B 41 -6.16 49.77 -6.50
N LYS B 42 -5.57 48.60 -6.69
CA LYS B 42 -6.30 47.36 -6.86
C LYS B 42 -6.52 46.70 -5.50
N THR B 43 -7.74 46.24 -5.25
CA THR B 43 -8.04 45.51 -4.02
C THR B 43 -7.49 44.10 -4.11
N VAL B 44 -6.67 43.70 -3.12
CA VAL B 44 -5.94 42.45 -3.18
C VAL B 44 -6.18 41.63 -1.93
N ALA B 45 -6.07 40.31 -2.08
CA ALA B 45 -5.86 39.41 -0.96
C ALA B 45 -4.40 38.99 -0.94
N VAL B 46 -3.81 38.94 0.25
CA VAL B 46 -2.38 38.71 0.38
C VAL B 46 -2.16 37.53 1.30
N LYS B 47 -1.52 36.48 0.78
CA LYS B 47 -1.10 35.35 1.59
C LYS B 47 0.28 35.66 2.17
N ILE B 48 0.35 35.71 3.49
CA ILE B 48 1.54 36.17 4.20
C ILE B 48 2.09 35.01 5.02
N LEU B 49 3.27 34.54 4.66
CA LEU B 49 3.89 33.42 5.34
C LEU B 49 4.34 33.80 6.74
N LEU B 58 9.82 26.31 3.27
CA LEU B 58 8.44 26.69 2.99
C LEU B 58 8.38 27.93 2.11
N LYS B 59 9.53 28.58 1.95
CA LYS B 59 9.61 29.73 1.05
C LYS B 59 9.60 29.28 -0.41
N ASP B 60 10.37 28.23 -0.72
CA ASP B 60 10.42 27.72 -2.08
C ASP B 60 9.02 27.34 -2.59
N GLU B 61 8.14 26.91 -1.69
CA GLU B 61 6.82 26.45 -2.10
C GLU B 61 5.89 27.62 -2.46
N LEU B 62 6.07 28.79 -1.83
CA LEU B 62 5.36 29.98 -2.28
C LEU B 62 5.83 30.39 -3.67
N LEU B 63 7.14 30.31 -3.92
CA LEU B 63 7.67 30.73 -5.22
C LEU B 63 7.20 29.79 -6.32
N ALA B 64 7.08 28.50 -6.02
CA ALA B 64 6.50 27.55 -6.97
C ALA B 64 5.02 27.83 -7.20
N GLU B 65 4.29 28.16 -6.13
CA GLU B 65 2.89 28.52 -6.27
C GLU B 65 2.73 29.74 -7.19
N ALA B 66 3.63 30.72 -7.06
CA ALA B 66 3.60 31.89 -7.93
C ALA B 66 4.02 31.53 -9.35
N ASN B 67 5.00 30.63 -9.49
CA ASN B 67 5.47 30.21 -10.80
C ASN B 67 4.34 29.55 -11.59
N VAL B 68 3.43 28.86 -10.92
CA VAL B 68 2.26 28.34 -11.61
C VAL B 68 1.31 29.46 -11.99
N MET B 69 0.92 30.29 -11.01
CA MET B 69 -0.10 31.31 -11.24
C MET B 69 0.33 32.29 -12.34
N GLN B 70 1.63 32.50 -12.50
CA GLN B 70 2.13 33.38 -13.55
C GLN B 70 1.70 32.91 -14.93
N GLN B 71 1.56 31.59 -15.12
CA GLN B 71 1.27 31.05 -16.44
C GLN B 71 -0.22 31.01 -16.77
N LEU B 72 -1.09 31.30 -15.81
CA LEU B 72 -2.52 31.15 -15.98
C LEU B 72 -3.18 32.50 -16.21
N ASP B 73 -4.23 32.49 -17.03
CA ASP B 73 -5.01 33.70 -17.29
C ASP B 73 -6.41 33.24 -17.72
N ASN B 74 -7.36 33.27 -16.78
CA ASN B 74 -8.71 32.78 -17.02
C ASN B 74 -9.63 33.44 -16.02
N PRO B 75 -10.84 33.85 -16.43
CA PRO B 75 -11.74 34.55 -15.50
C PRO B 75 -12.21 33.69 -14.34
N TYR B 76 -12.04 32.38 -14.39
CA TYR B 76 -12.46 31.48 -13.33
C TYR B 76 -11.29 30.94 -12.52
N ILE B 77 -10.17 31.66 -12.53
CA ILE B 77 -8.97 31.33 -11.77
C ILE B 77 -8.45 32.61 -11.14
N VAL B 78 -8.06 32.55 -9.86
CA VAL B 78 -7.53 33.73 -9.18
C VAL B 78 -6.26 34.20 -9.87
N ARG B 79 -6.21 35.48 -10.20
CA ARG B 79 -5.05 36.07 -10.86
C ARG B 79 -4.05 36.52 -9.82
N MET B 80 -2.79 36.17 -10.01
CA MET B 80 -1.73 36.65 -9.14
C MET B 80 -1.26 38.02 -9.61
N ILE B 81 -1.13 38.96 -8.67
CA ILE B 81 -0.51 40.24 -8.97
C ILE B 81 1.01 40.11 -8.96
N GLY B 82 1.54 39.40 -7.98
CA GLY B 82 2.97 39.21 -7.89
C GLY B 82 3.39 38.83 -6.48
N ILE B 83 4.69 38.62 -6.33
CA ILE B 83 5.29 38.30 -5.05
C ILE B 83 5.94 39.55 -4.48
N CYS B 84 5.80 39.77 -3.19
CA CYS B 84 6.49 40.86 -2.52
C CYS B 84 7.39 40.27 -1.45
N GLU B 85 8.69 40.54 -1.56
CA GLU B 85 9.67 40.09 -0.60
C GLU B 85 9.89 41.12 0.51
N GLU B 87 8.84 42.35 4.71
CA GLU B 87 9.06 41.98 6.11
C GLU B 87 8.74 40.50 6.28
N SER B 88 7.81 40.03 5.44
CA SER B 88 7.55 38.61 5.25
C SER B 88 7.45 38.35 3.75
N TRP B 89 7.44 37.08 3.38
CA TRP B 89 7.17 36.68 2.00
C TRP B 89 5.67 36.74 1.75
N MET B 90 5.28 37.37 0.63
CA MET B 90 3.88 37.64 0.35
C MET B 90 3.52 37.25 -1.08
N LEU B 91 2.35 36.65 -1.22
CA LEU B 91 1.75 36.36 -2.52
C LEU B 91 0.53 37.25 -2.68
N VAL B 92 0.57 38.14 -3.67
CA VAL B 92 -0.46 39.15 -3.84
C VAL B 92 -1.34 38.74 -5.00
N MET B 93 -2.64 38.58 -4.72
CA MET B 93 -3.62 38.13 -5.69
C MET B 93 -4.79 39.13 -5.74
N GLU B 94 -5.51 39.12 -6.85
CA GLU B 94 -6.77 39.85 -6.92
C GLU B 94 -7.70 39.35 -5.82
N MET B 95 -8.46 40.27 -5.24
CA MET B 95 -9.38 39.91 -4.16
C MET B 95 -10.65 39.27 -4.70
N ALA B 96 -10.98 38.09 -4.17
CA ALA B 96 -12.30 37.46 -4.31
C ALA B 96 -12.97 37.61 -2.94
N GLU B 97 -13.84 38.62 -2.81
CA GLU B 97 -14.17 39.18 -1.50
C GLU B 97 -14.91 38.19 -0.60
N LEU B 98 -15.67 37.26 -1.16
CA LEU B 98 -16.53 36.44 -0.31
C LEU B 98 -15.80 35.25 0.29
N GLY B 99 -14.59 34.93 -0.17
CA GLY B 99 -13.76 33.93 0.46
C GLY B 99 -14.12 32.51 0.10
N PRO B 100 -13.55 31.56 0.85
CA PRO B 100 -13.70 30.13 0.52
C PRO B 100 -15.14 29.68 0.42
N LEU B 101 -15.40 28.85 -0.59
CA LEU B 101 -16.76 28.39 -0.86
C LEU B 101 -17.33 27.54 0.27
N ASN B 102 -16.49 26.69 0.88
CA ASN B 102 -17.01 25.80 1.92
C ASN B 102 -17.48 26.60 3.14
N LYS B 103 -16.65 27.54 3.60
CA LYS B 103 -17.06 28.37 4.73
C LYS B 103 -18.28 29.21 4.38
N TYR B 104 -18.35 29.72 3.16
CA TYR B 104 -19.51 30.49 2.74
C TYR B 104 -20.80 29.68 2.88
N LEU B 105 -20.79 28.45 2.38
CA LEU B 105 -22.01 27.66 2.41
C LEU B 105 -22.34 27.18 3.81
N GLN B 106 -21.34 27.06 4.68
CA GLN B 106 -21.61 26.73 6.07
C GLN B 106 -22.32 27.88 6.78
N GLN B 107 -22.13 29.11 6.30
CA GLN B 107 -22.73 30.28 6.92
C GLN B 107 -24.00 30.76 6.22
N ASN B 108 -24.27 30.28 5.01
CA ASN B 108 -25.43 30.69 4.21
C ASN B 108 -26.11 29.42 3.74
N ARG B 109 -26.86 28.79 4.66
CA ARG B 109 -27.47 27.49 4.42
C ARG B 109 -28.61 27.51 3.41
N HIS B 110 -29.04 28.69 2.97
CA HIS B 110 -30.22 28.80 2.12
C HIS B 110 -29.87 29.24 0.70
N VAL B 111 -28.61 29.11 0.29
CA VAL B 111 -28.27 29.26 -1.12
C VAL B 111 -29.01 28.19 -1.92
N LYS B 112 -29.65 28.61 -3.01
CA LYS B 112 -30.50 27.70 -3.79
C LYS B 112 -29.66 26.74 -4.63
N ASP B 113 -30.21 25.55 -4.86
CA ASP B 113 -29.48 24.53 -5.60
C ASP B 113 -29.18 24.98 -7.02
N LYS B 114 -30.04 25.83 -7.59
CA LYS B 114 -29.72 26.47 -8.86
C LYS B 114 -28.46 27.34 -8.72
N ASN B 115 -28.34 28.06 -7.61
CA ASN B 115 -27.14 28.86 -7.35
C ASN B 115 -25.90 27.97 -7.23
N ILE B 116 -26.04 26.82 -6.58
CA ILE B 116 -24.91 25.92 -6.40
C ILE B 116 -24.43 25.35 -7.73
N ILE B 117 -25.37 25.03 -8.62
CA ILE B 117 -25.00 24.48 -9.93
C ILE B 117 -24.24 25.52 -10.76
N GLU B 118 -24.72 26.77 -10.73
CA GLU B 118 -24.03 27.86 -11.40
C GLU B 118 -22.56 27.94 -10.98
N LEU B 119 -22.31 27.80 -9.66
CA LEU B 119 -20.96 27.98 -9.15
C LEU B 119 -20.07 26.80 -9.51
N VAL B 120 -20.56 25.58 -9.32
CA VAL B 120 -19.73 24.41 -9.64
C VAL B 120 -19.50 24.32 -11.14
N HIS B 121 -20.45 24.84 -11.95
CA HIS B 121 -20.19 24.89 -13.39
C HIS B 121 -19.10 25.89 -13.72
N GLN B 122 -19.09 27.05 -13.04
CA GLN B 122 -17.97 27.97 -13.19
C GLN B 122 -16.65 27.31 -12.82
N VAL B 123 -16.65 26.51 -11.74
CA VAL B 123 -15.43 25.78 -11.41
C VAL B 123 -15.04 24.84 -12.56
N SER B 124 -16.03 24.17 -13.16
CA SER B 124 -15.72 23.28 -14.28
C SER B 124 -15.17 24.04 -15.48
N MET B 125 -15.53 25.31 -15.63
CA MET B 125 -14.97 26.09 -16.73
C MET B 125 -13.51 26.45 -16.46
N GLY B 126 -13.17 26.79 -15.22
CA GLY B 126 -11.78 27.01 -14.87
C GLY B 126 -10.96 25.73 -15.00
N MET B 127 -11.53 24.59 -14.60
CA MET B 127 -10.79 23.33 -14.69
C MET B 127 -10.61 22.90 -16.14
N LYS B 128 -11.62 23.15 -16.98
CA LYS B 128 -11.46 22.85 -18.40
C LYS B 128 -10.33 23.67 -19.00
N TYR B 129 -10.19 24.93 -18.56
CA TYR B 129 -9.05 25.74 -18.97
C TYR B 129 -7.73 25.12 -18.48
N LEU B 130 -7.67 24.71 -17.21
CA LEU B 130 -6.44 24.09 -16.71
C LEU B 130 -6.12 22.82 -17.47
N GLU B 131 -7.13 21.98 -17.71
CA GLU B 131 -6.97 20.77 -18.49
C GLU B 131 -6.40 21.05 -19.87
N GLU B 132 -6.98 22.04 -20.58
CA GLU B 132 -6.49 22.40 -21.90
C GLU B 132 -5.09 23.01 -21.86
N SER B 133 -4.72 23.62 -20.74
CA SER B 133 -3.40 24.20 -20.54
C SER B 133 -2.39 23.18 -20.00
N ASN B 134 -2.76 21.90 -20.00
CA ASN B 134 -1.92 20.79 -19.49
C ASN B 134 -1.33 21.06 -18.11
N PHE B 135 -2.17 21.61 -17.21
CA PHE B 135 -1.87 21.73 -15.79
C PHE B 135 -2.78 20.80 -15.00
N VAL B 136 -2.25 20.22 -13.92
CA VAL B 136 -3.05 19.47 -12.95
C VAL B 136 -3.02 20.24 -11.65
N HIS B 137 -4.20 20.45 -11.05
CA HIS B 137 -4.31 21.29 -9.86
C HIS B 137 -3.85 20.55 -8.60
N ARG B 138 -4.32 19.32 -8.40
CA ARG B 138 -3.91 18.39 -7.35
C ARG B 138 -4.38 18.81 -5.95
N ASP B 139 -5.30 19.75 -5.84
CA ASP B 139 -5.85 20.09 -4.53
C ASP B 139 -7.24 20.69 -4.71
N LEU B 140 -8.01 20.13 -5.64
CA LEU B 140 -9.28 20.72 -6.05
C LEU B 140 -10.32 20.37 -5.00
N ALA B 141 -10.66 21.34 -4.16
CA ALA B 141 -11.57 21.14 -3.05
C ALA B 141 -12.36 22.43 -2.83
N ALA B 142 -13.49 22.32 -2.15
CA ALA B 142 -14.39 23.45 -2.01
C ALA B 142 -13.72 24.61 -1.26
N ARG B 143 -12.79 24.29 -0.35
CA ARG B 143 -12.02 25.33 0.35
C ARG B 143 -11.12 26.12 -0.61
N ASN B 144 -10.77 25.55 -1.76
CA ASN B 144 -9.90 26.23 -2.71
C ASN B 144 -10.68 26.84 -3.87
N VAL B 145 -11.98 27.02 -3.68
CA VAL B 145 -12.84 27.81 -4.56
C VAL B 145 -13.23 29.06 -3.80
N LEU B 146 -12.92 30.22 -4.36
CA LEU B 146 -13.20 31.49 -3.72
C LEU B 146 -14.32 32.20 -4.48
N LEU B 147 -15.16 32.91 -3.75
CA LEU B 147 -16.31 33.59 -4.33
C LEU B 147 -15.98 35.07 -4.49
N VAL B 148 -16.03 35.55 -5.74
CA VAL B 148 -16.03 36.98 -6.01
C VAL B 148 -17.38 37.58 -5.58
N THR B 149 -18.46 36.96 -6.05
CA THR B 149 -19.80 37.21 -5.57
C THR B 149 -20.44 35.87 -5.28
N GLN B 150 -21.70 35.88 -4.85
CA GLN B 150 -22.43 34.63 -4.71
C GLN B 150 -22.69 33.95 -6.05
N HIS B 151 -22.44 34.65 -7.16
CA HIS B 151 -22.72 34.13 -8.50
C HIS B 151 -21.48 34.10 -9.38
N TYR B 152 -20.29 34.01 -8.78
CA TYR B 152 -19.06 34.07 -9.54
C TYR B 152 -17.94 33.47 -8.69
N ALA B 153 -17.50 32.26 -9.04
CA ALA B 153 -16.50 31.53 -8.29
C ALA B 153 -15.20 31.46 -9.08
N LYS B 154 -14.08 31.42 -8.36
CA LYS B 154 -12.75 31.30 -8.94
C LYS B 154 -11.99 30.20 -8.21
N ILE B 155 -11.08 29.55 -8.93
CA ILE B 155 -10.23 28.51 -8.35
C ILE B 155 -8.96 29.16 -7.80
N SER B 156 -8.57 28.77 -6.59
CA SER B 156 -7.34 29.26 -6.00
C SER B 156 -6.39 28.13 -5.64
N ASP B 157 -5.39 28.45 -4.82
CA ASP B 157 -4.49 27.51 -4.16
C ASP B 157 -3.80 26.52 -5.07
N PHE B 158 -2.77 26.99 -5.77
CA PHE B 158 -2.02 26.20 -6.72
C PHE B 158 -0.72 25.67 -6.14
N GLY B 159 -0.64 25.53 -4.81
CA GLY B 159 0.58 25.07 -4.17
C GLY B 159 1.01 23.67 -4.57
N LEU B 160 0.06 22.81 -4.94
CA LEU B 160 0.35 21.46 -5.38
C LEU B 160 0.28 21.29 -6.88
N SER B 161 0.01 22.37 -7.62
CA SER B 161 -0.25 22.27 -9.04
C SER B 161 1.03 21.99 -9.81
N LYS B 162 0.88 21.25 -10.91
CA LYS B 162 2.00 20.86 -11.76
C LYS B 162 1.61 21.01 -13.22
N ALA B 163 2.54 21.50 -14.02
CA ALA B 163 2.41 21.40 -15.46
C ALA B 163 2.74 19.97 -15.89
N LEU B 164 2.00 19.45 -16.85
CA LEU B 164 2.34 18.15 -17.43
C LEU B 164 3.49 18.32 -18.42
N ARG B 165 4.47 17.43 -18.33
CA ARG B 165 5.48 17.33 -19.37
C ARG B 165 4.83 16.84 -20.67
N ALA B 166 5.34 17.34 -21.79
CA ALA B 166 4.76 17.00 -23.09
C ALA B 166 4.95 15.55 -23.45
N ASP B 167 5.87 14.84 -22.80
CA ASP B 167 6.08 13.43 -23.08
C ASP B 167 5.33 12.52 -22.10
N GLU B 168 4.43 13.08 -21.29
CA GLU B 168 3.78 12.31 -20.22
C GLU B 168 2.30 12.62 -20.15
N ASN B 169 1.50 11.58 -19.87
CA ASN B 169 0.07 11.72 -19.64
C ASN B 169 -0.27 12.11 -18.20
N TYR B 170 0.63 11.85 -17.26
CA TYR B 170 0.38 12.13 -15.86
C TYR B 170 1.64 12.72 -15.24
N TYR B 171 1.46 13.38 -14.11
CA TYR B 171 2.58 13.73 -13.25
C TYR B 171 2.76 12.63 -12.20
N LYS B 172 3.99 12.15 -12.05
CA LYS B 172 4.31 11.06 -11.15
C LYS B 172 5.07 11.63 -9.95
N ALA B 173 4.46 11.53 -8.77
CA ALA B 173 5.00 12.11 -7.55
C ALA B 173 6.00 11.17 -6.86
N LYS B 178 2.31 16.55 2.01
CA LYS B 178 0.99 17.18 2.03
C LYS B 178 0.10 16.48 1.02
N TRP B 179 -0.89 15.74 1.51
CA TRP B 179 -1.74 14.92 0.66
C TRP B 179 -3.20 14.97 1.09
N PRO B 180 -4.05 15.77 0.41
CA PRO B 180 -5.49 15.75 0.70
C PRO B 180 -6.14 14.50 0.18
N VAL B 181 -5.93 13.37 0.88
CA VAL B 181 -6.27 12.06 0.33
C VAL B 181 -7.77 11.87 0.16
N LYS B 182 -8.59 12.57 0.95
CA LYS B 182 -10.02 12.41 0.80
C LYS B 182 -10.55 12.99 -0.51
N TRP B 183 -9.75 13.77 -1.22
CA TRP B 183 -10.12 14.28 -2.55
C TRP B 183 -9.44 13.53 -3.69
N TYR B 184 -8.62 12.53 -3.38
CA TYR B 184 -7.75 11.93 -4.36
C TYR B 184 -8.36 10.67 -4.98
N ALA B 185 -8.12 10.48 -6.27
CA ALA B 185 -8.57 9.31 -7.00
C ALA B 185 -7.71 8.10 -6.65
N PRO B 186 -8.20 6.88 -6.91
CA PRO B 186 -7.40 5.69 -6.55
C PRO B 186 -6.05 5.64 -7.23
N GLU B 187 -5.94 6.00 -8.51
CA GLU B 187 -4.64 5.96 -9.16
C GLU B 187 -3.67 6.95 -8.52
N CYS B 188 -4.16 8.03 -7.94
CA CYS B 188 -3.29 8.88 -7.14
C CYS B 188 -2.81 8.15 -5.90
N ILE B 189 -3.74 7.56 -5.15
CA ILE B 189 -3.41 6.91 -3.90
C ILE B 189 -2.53 5.70 -4.16
N ASN B 190 -2.88 4.89 -5.16
CA ASN B 190 -2.22 3.60 -5.36
C ASN B 190 -0.91 3.74 -6.14
N TYR B 191 -0.85 4.66 -7.12
CA TYR B 191 0.29 4.72 -8.03
C TYR B 191 0.95 6.09 -8.10
N TYR B 192 0.57 7.03 -7.24
CA TYR B 192 1.13 8.39 -7.23
C TYR B 192 0.98 9.12 -8.57
N LYS B 193 0.00 8.75 -9.38
CA LYS B 193 -0.19 9.31 -10.71
C LYS B 193 -1.33 10.33 -10.69
N PHE B 194 -1.07 11.53 -11.22
CA PHE B 194 -2.02 12.64 -11.20
C PHE B 194 -2.22 13.14 -12.62
N SER B 195 -3.46 13.13 -13.08
CA SER B 195 -3.83 13.68 -14.38
C SER B 195 -5.02 14.60 -14.22
N SER B 196 -5.46 15.18 -15.35
CA SER B 196 -6.72 15.94 -15.34
C SER B 196 -7.89 15.07 -14.91
N LYS B 197 -7.87 13.77 -15.29
CA LYS B 197 -8.89 12.84 -14.81
C LYS B 197 -8.88 12.72 -13.28
N SER B 198 -7.68 12.75 -12.68
CA SER B 198 -7.57 12.76 -11.23
C SER B 198 -8.21 14.01 -10.65
N ASP B 199 -8.02 15.15 -11.32
CA ASP B 199 -8.72 16.37 -10.91
C ASP B 199 -10.24 16.23 -11.07
N VAL B 200 -10.69 15.48 -12.07
CA VAL B 200 -12.13 15.24 -12.24
C VAL B 200 -12.68 14.53 -11.01
N TRP B 201 -11.91 13.58 -10.47
CA TRP B 201 -12.34 12.87 -9.27
C TRP B 201 -12.52 13.83 -8.09
N SER B 202 -11.50 14.66 -7.84
CA SER B 202 -11.61 15.67 -6.79
C SER B 202 -12.80 16.60 -7.02
N PHE B 203 -13.13 16.88 -8.29
CA PHE B 203 -14.25 17.75 -8.60
C PHE B 203 -15.57 17.13 -8.16
N GLY B 204 -15.73 15.82 -8.36
CA GLY B 204 -16.87 15.12 -7.80
C GLY B 204 -16.97 15.29 -6.30
N VAL B 205 -15.84 15.25 -5.60
CA VAL B 205 -15.85 15.46 -4.15
C VAL B 205 -16.22 16.91 -3.84
N LEU B 206 -15.66 17.86 -4.61
CA LEU B 206 -16.02 19.27 -4.45
C LEU B 206 -17.51 19.49 -4.65
N MET B 207 -18.11 18.82 -5.63
CA MET B 207 -19.55 18.92 -5.83
C MET B 207 -20.33 18.40 -4.62
N TRP B 208 -19.90 17.26 -4.05
CA TRP B 208 -20.53 16.74 -2.84
C TRP B 208 -20.43 17.75 -1.70
N GLU B 209 -19.26 18.37 -1.53
CA GLU B 209 -19.11 19.38 -0.49
C GLU B 209 -20.07 20.54 -0.71
N ALA B 210 -20.18 20.99 -1.97
CA ALA B 210 -21.03 22.13 -2.29
C ALA B 210 -22.50 21.83 -2.02
N PHE B 211 -22.96 20.64 -2.42
CA PHE B 211 -24.35 20.33 -2.15
C PHE B 211 -24.59 19.92 -0.71
N SER B 212 -23.52 19.69 0.08
CA SER B 212 -23.61 19.44 1.51
C SER B 212 -23.31 20.68 2.33
N TYR B 213 -23.24 21.84 1.68
CA TYR B 213 -23.11 23.15 2.33
C TYR B 213 -21.84 23.23 3.19
N GLY B 214 -20.71 22.86 2.60
CA GLY B 214 -19.42 23.00 3.25
C GLY B 214 -19.07 21.92 4.24
N GLN B 215 -19.81 20.82 4.26
CA GLN B 215 -19.48 19.68 5.11
C GLN B 215 -18.22 18.99 4.62
N LYS B 216 -17.42 18.48 5.56
CA LYS B 216 -16.24 17.79 5.07
C LYS B 216 -16.59 16.38 4.60
N PRO B 217 -15.92 15.89 3.56
CA PRO B 217 -16.22 14.55 3.06
C PRO B 217 -15.62 13.48 3.97
N TYR B 218 -16.31 12.34 4.00
CA TYR B 218 -15.86 11.16 4.76
C TYR B 218 -15.58 11.51 6.22
N ARG B 219 -16.50 12.23 6.83
CA ARG B 219 -16.30 12.67 8.21
C ARG B 219 -16.08 11.47 9.13
N GLY B 220 -15.13 11.59 10.04
CA GLY B 220 -14.85 10.53 10.98
C GLY B 220 -14.12 9.32 10.43
N MET B 221 -13.60 9.40 9.20
CA MET B 221 -12.91 8.29 8.58
C MET B 221 -11.42 8.61 8.45
N LYS B 222 -10.58 7.61 8.71
CA LYS B 222 -9.16 7.76 8.44
C LYS B 222 -8.90 7.62 6.93
N GLY B 223 -7.76 8.17 6.49
CA GLY B 223 -7.42 8.07 5.09
C GLY B 223 -7.38 6.64 4.58
N SER B 224 -6.84 5.73 5.40
CA SER B 224 -6.81 4.33 5.03
C SER B 224 -8.22 3.75 4.92
N GLU B 225 -9.16 4.26 5.72
CA GLU B 225 -10.52 3.74 5.65
C GLU B 225 -11.24 4.22 4.38
N VAL B 226 -10.94 5.45 3.95
CA VAL B 226 -11.51 5.97 2.70
C VAL B 226 -11.02 5.15 1.52
N THR B 227 -9.71 4.89 1.47
CA THR B 227 -9.14 4.10 0.38
C THR B 227 -9.83 2.74 0.25
N ALA B 228 -10.01 2.04 1.37
CA ALA B 228 -10.60 0.70 1.32
C ALA B 228 -12.06 0.76 0.85
N MET B 229 -12.81 1.72 1.37
CA MET B 229 -14.19 1.92 0.93
C MET B 229 -14.27 2.14 -0.58
N LEU B 230 -13.43 3.03 -1.11
CA LEU B 230 -13.45 3.30 -2.55
C LEU B 230 -13.08 2.07 -3.35
N GLU B 231 -12.05 1.33 -2.91
CA GLU B 231 -11.66 0.12 -3.61
C GLU B 231 -12.81 -0.90 -3.61
N LYS B 232 -13.63 -0.88 -2.56
CA LYS B 232 -14.79 -1.74 -2.43
C LYS B 232 -15.91 -1.39 -3.40
N GLY B 233 -15.86 -0.20 -4.01
CA GLY B 233 -16.94 0.27 -4.84
C GLY B 233 -17.98 1.11 -4.13
N GLU B 234 -17.75 1.48 -2.88
CA GLU B 234 -18.68 2.32 -2.15
C GLU B 234 -18.31 3.79 -2.33
N ARG B 235 -19.32 4.65 -2.18
CA ARG B 235 -19.16 6.08 -2.40
C ARG B 235 -19.92 6.84 -1.32
N MET B 236 -19.60 8.12 -1.16
CA MET B 236 -20.42 8.97 -0.30
C MET B 236 -21.85 9.02 -0.82
N GLY B 237 -22.78 9.19 0.12
CA GLY B 237 -24.18 9.20 -0.23
C GLY B 237 -24.64 10.51 -0.86
N CYS B 238 -25.89 10.49 -1.29
CA CYS B 238 -26.47 11.68 -1.90
C CYS B 238 -26.79 12.69 -0.82
N PRO B 239 -26.24 13.90 -0.86
CA PRO B 239 -26.61 14.91 0.14
C PRO B 239 -28.09 15.26 0.03
N ALA B 240 -28.68 15.59 1.18
CA ALA B 240 -30.10 15.95 1.21
C ALA B 240 -30.37 17.13 0.28
N GLY B 241 -31.46 17.04 -0.47
CA GLY B 241 -31.80 18.10 -1.40
C GLY B 241 -30.96 18.15 -2.66
N CYS B 242 -30.08 17.18 -2.88
CA CYS B 242 -29.25 17.18 -4.09
C CYS B 242 -30.03 16.57 -5.24
N PRO B 243 -30.23 17.29 -6.35
CA PRO B 243 -30.88 16.68 -7.52
C PRO B 243 -30.18 15.39 -7.93
N ARG B 244 -30.97 14.43 -8.41
CA ARG B 244 -30.40 13.14 -8.78
C ARG B 244 -29.36 13.29 -9.88
N GLU B 245 -29.64 14.16 -10.86
CA GLU B 245 -28.74 14.33 -11.99
C GLU B 245 -27.36 14.82 -11.56
N MET B 246 -27.32 15.65 -10.50
CA MET B 246 -26.03 16.09 -9.97
C MET B 246 -25.35 14.98 -9.17
N TYR B 247 -26.11 14.16 -8.43
CA TYR B 247 -25.51 13.03 -7.75
C TYR B 247 -25.00 11.99 -8.75
N ASP B 248 -25.73 11.77 -9.83
CA ASP B 248 -25.22 10.93 -10.91
C ASP B 248 -23.88 11.46 -11.41
N LEU B 249 -23.80 12.78 -11.62
CA LEU B 249 -22.57 13.38 -12.14
C LEU B 249 -21.40 13.19 -11.16
N MET B 250 -21.67 13.29 -9.85
CA MET B 250 -20.63 12.98 -8.87
C MET B 250 -20.10 11.58 -9.06
N ASN B 251 -21.02 10.61 -9.18
CA ASN B 251 -20.64 9.20 -9.31
C ASN B 251 -19.91 8.93 -10.61
N LEU B 252 -20.23 9.67 -11.67
CA LEU B 252 -19.45 9.59 -12.90
C LEU B 252 -18.03 10.09 -12.68
N CYS B 253 -17.88 11.23 -11.99
CA CYS B 253 -16.55 11.74 -11.65
C CYS B 253 -15.78 10.75 -10.78
N TRP B 254 -16.49 9.99 -9.94
CA TRP B 254 -15.93 8.89 -9.16
C TRP B 254 -15.91 7.56 -9.93
N THR B 255 -15.75 7.60 -11.25
CA THR B 255 -15.52 6.37 -11.99
C THR B 255 -14.12 5.86 -11.66
N TYR B 256 -14.02 4.62 -11.21
CA TYR B 256 -12.75 4.09 -10.73
C TYR B 256 -11.70 4.09 -11.83
N ASP B 257 -12.04 3.58 -13.01
CA ASP B 257 -11.09 3.44 -14.11
C ASP B 257 -10.83 4.79 -14.77
N VAL B 258 -9.55 5.14 -14.92
CA VAL B 258 -9.23 6.50 -15.36
C VAL B 258 -9.68 6.74 -16.80
N GLU B 259 -9.63 5.71 -17.66
CA GLU B 259 -9.96 5.89 -19.06
C GLU B 259 -11.47 6.12 -19.26
N ASN B 260 -12.30 5.48 -18.45
CA ASN B 260 -13.73 5.67 -18.55
C ASN B 260 -14.25 6.86 -17.74
N ARG B 261 -13.41 7.46 -16.90
CA ARG B 261 -13.78 8.70 -16.23
C ARG B 261 -13.88 9.82 -17.25
N PRO B 262 -14.90 10.68 -17.17
CA PRO B 262 -14.99 11.79 -18.12
C PRO B 262 -13.87 12.80 -17.90
N GLY B 263 -13.51 13.50 -18.97
CA GLY B 263 -12.69 14.69 -18.87
C GLY B 263 -13.51 15.90 -18.45
N PHE B 264 -12.82 17.04 -18.29
CA PHE B 264 -13.53 18.24 -17.90
C PHE B 264 -14.34 18.84 -19.05
N ALA B 265 -14.02 18.53 -20.30
CA ALA B 265 -14.86 18.96 -21.40
C ALA B 265 -16.25 18.35 -21.29
N ALA B 266 -16.33 17.04 -21.02
CA ALA B 266 -17.62 16.41 -20.81
C ALA B 266 -18.29 16.91 -19.55
N VAL B 267 -17.53 17.05 -18.46
CA VAL B 267 -18.13 17.46 -17.19
C VAL B 267 -18.72 18.87 -17.33
N GLU B 268 -17.96 19.78 -17.94
CA GLU B 268 -18.44 21.15 -18.14
C GLU B 268 -19.73 21.16 -18.96
N LEU B 269 -19.80 20.33 -20.00
CA LEU B 269 -20.99 20.29 -20.85
C LEU B 269 -22.19 19.76 -20.09
N ARG B 270 -21.98 18.75 -19.24
CA ARG B 270 -23.10 18.23 -18.45
C ARG B 270 -23.65 19.29 -17.49
N LEU B 271 -22.77 20.06 -16.85
CA LEU B 271 -23.24 21.11 -15.95
C LEU B 271 -23.90 22.25 -16.71
N ARG B 272 -23.34 22.61 -17.88
CA ARG B 272 -23.90 23.70 -18.68
C ARG B 272 -25.32 23.38 -19.12
N ASN B 273 -25.53 22.19 -19.69
CA ASN B 273 -26.86 21.80 -20.13
C ASN B 273 -27.82 21.64 -18.96
N TYR B 274 -27.37 21.10 -17.83
CA TYR B 274 -28.30 20.93 -16.73
C TYR B 274 -28.69 22.27 -16.13
N TYR B 275 -27.77 23.23 -16.08
CA TYR B 275 -28.14 24.55 -15.60
C TYR B 275 -29.16 25.20 -16.53
N TYR B 276 -28.97 25.04 -17.85
CA TYR B 276 -29.97 25.51 -18.81
C TYR B 276 -31.34 24.93 -18.50
N ASP B 277 -31.39 23.62 -18.24
CA ASP B 277 -32.66 22.97 -17.94
C ASP B 277 -33.29 23.55 -16.67
N VAL B 278 -32.48 23.77 -15.63
CA VAL B 278 -33.01 24.30 -14.38
C VAL B 278 -33.58 25.70 -14.60
N VAL B 279 -32.80 26.58 -15.21
CA VAL B 279 -33.22 27.94 -15.55
C VAL B 279 -34.17 27.90 -16.74
N TYR C 9 -10.72 -14.09 15.85
CA TYR C 9 -10.94 -13.03 14.87
C TYR C 9 -10.59 -11.66 15.43
N LEU C 10 -9.93 -10.84 14.61
CA LEU C 10 -9.32 -9.60 15.07
C LEU C 10 -10.18 -8.38 14.75
N ASP C 11 -9.79 -7.25 15.32
CA ASP C 11 -10.50 -5.99 15.18
C ASP C 11 -9.74 -5.11 14.19
N ARG C 12 -10.33 -4.89 13.00
CA ARG C 12 -9.65 -4.13 11.96
C ARG C 12 -9.26 -2.73 12.43
N LYS C 13 -10.02 -2.16 13.38
CA LYS C 13 -9.76 -0.80 13.85
C LYS C 13 -8.53 -0.74 14.75
N LEU C 14 -8.13 -1.87 15.33
CA LEU C 14 -6.92 -1.96 16.11
C LEU C 14 -5.70 -2.28 15.26
N LEU C 15 -5.89 -2.54 13.98
CA LEU C 15 -4.80 -2.85 13.06
C LEU C 15 -4.46 -1.62 12.26
N THR C 16 -3.18 -1.28 12.20
CA THR C 16 -2.69 -0.27 11.29
C THR C 16 -1.66 -0.90 10.39
N LEU C 17 -1.53 -0.36 9.17
CA LEU C 17 -0.71 -0.99 8.14
C LEU C 17 0.18 0.03 7.48
N GLU C 18 1.44 -0.34 7.26
CA GLU C 18 2.35 0.48 6.48
C GLU C 18 1.96 0.45 5.01
N ASP C 19 2.17 1.58 4.33
CA ASP C 19 1.68 1.74 2.97
C ASP C 19 2.45 0.86 1.97
N LYS C 20 3.77 0.86 2.04
CA LYS C 20 4.55 0.13 1.06
C LYS C 20 4.56 -1.36 1.40
N GLU C 21 4.23 -2.19 0.41
CA GLU C 21 4.14 -3.63 0.65
C GLU C 21 5.53 -4.25 0.74
N LEU C 22 5.66 -5.27 1.60
CA LEU C 22 6.91 -5.99 1.70
C LEU C 22 7.10 -6.96 0.55
N GLY C 23 6.01 -7.53 0.02
CA GLY C 23 6.11 -8.43 -1.11
C GLY C 23 4.73 -8.78 -1.63
N SER C 24 4.71 -9.67 -2.61
CA SER C 24 3.45 -10.10 -3.20
C SER C 24 3.64 -11.46 -3.87
N GLY C 25 2.53 -12.14 -4.08
CA GLY C 25 2.51 -13.43 -4.74
C GLY C 25 1.13 -13.69 -5.29
N ASN C 26 0.85 -14.96 -5.59
CA ASN C 26 -0.43 -15.31 -6.21
C ASN C 26 -1.60 -15.16 -5.25
N PHE C 27 -1.33 -15.11 -3.95
CA PHE C 27 -2.38 -14.98 -2.94
C PHE C 27 -2.79 -13.53 -2.73
N GLY C 28 -1.92 -12.59 -3.10
CA GLY C 28 -2.11 -11.21 -2.72
C GLY C 28 -0.84 -10.55 -2.24
N THR C 29 -0.88 -10.00 -1.03
CA THR C 29 0.10 -9.03 -0.55
C THR C 29 0.49 -9.35 0.88
N VAL C 30 1.74 -9.02 1.24
CA VAL C 30 2.24 -9.09 2.61
C VAL C 30 2.71 -7.69 3.03
N LYS C 31 2.19 -7.20 4.15
CA LYS C 31 2.51 -5.86 4.64
C LYS C 31 2.99 -5.92 6.08
N LYS C 32 3.77 -4.90 6.44
CA LYS C 32 4.13 -4.65 7.82
C LYS C 32 3.02 -3.86 8.49
N GLY C 33 2.76 -4.15 9.76
CA GLY C 33 1.74 -3.43 10.49
C GLY C 33 1.97 -3.49 11.99
N TYR C 34 0.98 -3.02 12.73
CA TYR C 34 0.98 -2.99 14.18
C TYR C 34 -0.42 -3.35 14.66
N TYR C 35 -0.51 -4.18 15.70
CA TYR C 35 -1.79 -4.61 16.26
C TYR C 35 -1.75 -4.47 17.77
N GLN C 36 -2.81 -3.88 18.33
CA GLN C 36 -2.87 -3.57 19.75
C GLN C 36 -3.24 -4.81 20.58
N MET C 37 -2.45 -5.08 21.61
CA MET C 37 -2.66 -6.20 22.50
C MET C 37 -2.34 -5.82 23.95
N VAL C 41 0.70 -3.50 21.78
CA VAL C 41 1.01 -3.18 20.39
C VAL C 41 2.20 -4.01 19.86
N LYS C 42 1.91 -4.98 19.01
CA LYS C 42 2.90 -5.88 18.45
C LYS C 42 3.12 -5.60 16.96
N THR C 43 4.38 -5.66 16.53
CA THR C 43 4.74 -5.42 15.12
C THR C 43 4.44 -6.69 14.35
N VAL C 44 3.61 -6.59 13.31
CA VAL C 44 3.06 -7.78 12.68
C VAL C 44 3.36 -7.78 11.20
N ALA C 45 3.34 -8.98 10.62
CA ALA C 45 3.30 -9.19 9.18
C ALA C 45 1.90 -9.66 8.84
N VAL C 46 1.31 -9.05 7.82
CA VAL C 46 -0.09 -9.27 7.48
C VAL C 46 -0.15 -9.78 6.04
N LYS C 47 -0.70 -10.98 5.86
CA LYS C 47 -0.95 -11.55 4.55
C LYS C 47 -2.37 -11.17 4.14
N ILE C 48 -2.49 -10.45 3.02
CA ILE C 48 -3.74 -9.81 2.60
C ILE C 48 -4.19 -10.47 1.30
N LEU C 49 -5.30 -11.18 1.34
CA LEU C 49 -5.76 -11.87 0.15
C LEU C 49 -6.18 -10.87 -0.92
N LYS C 50 -5.83 -11.17 -2.16
CA LYS C 50 -6.17 -10.31 -3.28
C LYS C 50 -7.66 -10.34 -3.58
N ASN C 51 -8.13 -9.31 -4.28
CA ASN C 51 -9.48 -9.26 -4.83
C ASN C 51 -10.53 -9.63 -3.77
N GLU C 52 -10.40 -9.03 -2.59
CA GLU C 52 -11.37 -9.17 -1.51
C GLU C 52 -11.58 -10.63 -1.10
N ALA C 53 -10.56 -11.47 -1.29
CA ALA C 53 -10.63 -12.89 -0.96
C ALA C 53 -11.77 -13.59 -1.71
N ASN C 54 -11.99 -13.18 -2.96
CA ASN C 54 -13.04 -13.81 -3.77
C ASN C 54 -12.69 -15.25 -4.13
N ASP C 55 -11.40 -15.55 -4.24
CA ASP C 55 -10.94 -16.86 -4.65
C ASP C 55 -11.12 -17.87 -3.51
N PRO C 56 -11.97 -18.90 -3.66
CA PRO C 56 -12.21 -19.83 -2.55
C PRO C 56 -10.99 -20.67 -2.17
N ALA C 57 -10.05 -20.91 -3.09
CA ALA C 57 -8.84 -21.65 -2.73
C ALA C 57 -7.93 -20.82 -1.85
N LEU C 58 -7.89 -19.49 -2.05
CA LEU C 58 -7.09 -18.65 -1.17
C LEU C 58 -7.70 -18.58 0.22
N LYS C 59 -9.03 -18.52 0.32
CA LYS C 59 -9.68 -18.50 1.63
C LYS C 59 -9.46 -19.81 2.37
N ASP C 60 -9.58 -20.93 1.65
CA ASP C 60 -9.37 -22.24 2.27
C ASP C 60 -7.95 -22.37 2.79
N GLU C 61 -6.97 -21.88 2.02
CA GLU C 61 -5.59 -21.96 2.46
C GLU C 61 -5.33 -21.11 3.70
N LEU C 62 -5.94 -19.92 3.76
CA LEU C 62 -5.75 -19.07 4.93
C LEU C 62 -6.39 -19.72 6.15
N LEU C 63 -7.59 -20.27 5.99
CA LEU C 63 -8.24 -20.96 7.11
C LEU C 63 -7.39 -22.12 7.60
N ALA C 64 -6.92 -22.97 6.68
CA ALA C 64 -6.08 -24.11 7.08
C ALA C 64 -4.76 -23.65 7.67
N GLU C 65 -4.16 -22.60 7.08
CA GLU C 65 -2.97 -21.98 7.66
C GLU C 65 -3.18 -21.60 9.11
N ALA C 66 -4.26 -20.84 9.37
CA ALA C 66 -4.50 -20.33 10.71
C ALA C 66 -4.85 -21.45 11.69
N ASN C 67 -5.54 -22.48 11.23
CA ASN C 67 -5.95 -23.56 12.11
C ASN C 67 -4.75 -24.37 12.60
N VAL C 68 -3.74 -24.57 11.75
CA VAL C 68 -2.56 -25.30 12.18
C VAL C 68 -1.72 -24.42 13.10
N MET C 69 -1.38 -23.21 12.66
CA MET C 69 -0.53 -22.33 13.46
C MET C 69 -1.08 -22.13 14.85
N GLN C 70 -2.40 -22.09 14.98
CA GLN C 70 -3.03 -21.86 16.28
C GLN C 70 -2.63 -22.93 17.29
N GLN C 71 -2.47 -24.16 16.81
CA GLN C 71 -2.11 -25.28 17.67
C GLN C 71 -0.62 -25.35 17.99
N LEU C 72 0.21 -24.56 17.32
CA LEU C 72 1.65 -24.68 17.48
C LEU C 72 2.20 -23.56 18.36
N ASP C 73 3.23 -23.91 19.15
CA ASP C 73 3.92 -22.94 20.01
C ASP C 73 5.37 -23.37 20.13
N ASN C 74 6.25 -22.74 19.35
CA ASN C 74 7.66 -23.09 19.36
C ASN C 74 8.45 -21.87 18.89
N PRO C 75 9.66 -21.67 19.42
CA PRO C 75 10.41 -20.45 19.07
C PRO C 75 10.83 -20.37 17.61
N TYR C 76 10.86 -21.50 16.89
CA TYR C 76 11.28 -21.52 15.51
C TYR C 76 10.11 -21.71 14.54
N ILE C 77 8.90 -21.39 14.98
CA ILE C 77 7.69 -21.45 14.19
C ILE C 77 6.98 -20.11 14.30
N VAL C 78 6.54 -19.56 13.17
CA VAL C 78 5.90 -18.24 13.18
C VAL C 78 4.62 -18.31 14.00
N ARG C 79 4.44 -17.34 14.90
CA ARG C 79 3.24 -17.25 15.71
C ARG C 79 2.17 -16.44 14.99
N MET C 80 0.96 -16.96 15.01
CA MET C 80 -0.19 -16.27 14.42
C MET C 80 -0.87 -15.42 15.48
N ILE C 81 -1.21 -14.19 15.11
CA ILE C 81 -2.01 -13.36 16.01
C ILE C 81 -3.49 -13.65 15.82
N GLY C 82 -3.93 -13.70 14.56
CA GLY C 82 -5.31 -14.04 14.26
C GLY C 82 -5.65 -13.68 12.83
N ILE C 83 -6.93 -13.78 12.51
CA ILE C 83 -7.44 -13.45 11.19
C ILE C 83 -8.40 -12.26 11.32
N CYS C 84 -8.34 -11.36 10.35
CA CYS C 84 -9.18 -10.18 10.30
C CYS C 84 -9.89 -10.16 8.95
N GLU C 85 -11.20 -9.98 8.96
CA GLU C 85 -11.93 -9.85 7.70
C GLU C 85 -12.61 -8.49 7.59
N GLU C 87 -11.67 -5.42 4.97
CA GLU C 87 -11.82 -5.07 3.56
C GLU C 87 -11.34 -6.24 2.71
N SER C 88 -10.58 -7.13 3.34
CA SER C 88 -10.21 -8.41 2.75
C SER C 88 -9.87 -9.33 3.91
N TRP C 89 -9.65 -10.60 3.58
CA TRP C 89 -9.19 -11.53 4.61
C TRP C 89 -7.72 -11.27 4.86
N MET C 90 -7.35 -11.21 6.14
CA MET C 90 -5.99 -10.88 6.54
C MET C 90 -5.54 -11.88 7.59
N LEU C 91 -4.35 -12.44 7.40
CA LEU C 91 -3.72 -13.31 8.38
C LEU C 91 -2.64 -12.51 9.08
N VAL C 92 -2.83 -12.26 10.37
CA VAL C 92 -1.94 -11.37 11.13
C VAL C 92 -1.01 -12.24 11.96
N MET C 93 0.29 -12.10 11.71
CA MET C 93 1.32 -12.93 12.34
C MET C 93 2.38 -12.04 12.97
N GLU C 94 3.15 -12.60 13.90
CA GLU C 94 4.29 -11.86 14.42
C GLU C 94 5.29 -11.62 13.29
N MET C 95 5.89 -10.43 13.28
CA MET C 95 6.81 -10.06 12.22
C MET C 95 8.17 -10.78 12.38
N ALA C 96 8.63 -11.40 11.29
CA ALA C 96 10.03 -11.76 11.09
C ALA C 96 10.54 -10.84 9.99
N GLU C 97 11.21 -9.75 10.37
CA GLU C 97 11.27 -8.61 9.47
C GLU C 97 12.22 -8.79 8.29
N LEU C 98 13.11 -9.78 8.33
CA LEU C 98 14.05 -9.93 7.23
C LEU C 98 13.48 -10.75 6.08
N GLY C 99 12.41 -11.51 6.30
CA GLY C 99 11.67 -12.11 5.19
C GLY C 99 12.17 -13.46 4.75
N PRO C 100 11.74 -13.90 3.57
CA PRO C 100 12.08 -15.25 3.11
C PRO C 100 13.58 -15.51 3.00
N LEU C 101 13.99 -16.70 3.47
CA LEU C 101 15.40 -17.06 3.52
C LEU C 101 16.03 -17.09 2.14
N ASN C 102 15.33 -17.64 1.14
CA ASN C 102 15.93 -17.75 -0.20
C ASN C 102 16.20 -16.36 -0.78
N LYS C 103 15.24 -15.45 -0.67
CA LYS C 103 15.45 -14.08 -1.13
C LYS C 103 16.57 -13.39 -0.36
N TYR C 104 16.68 -13.65 0.93
CA TYR C 104 17.73 -13.01 1.73
C TYR C 104 19.11 -13.46 1.27
N LEU C 105 19.29 -14.77 1.07
CA LEU C 105 20.59 -15.28 0.67
C LEU C 105 20.96 -14.84 -0.73
N GLN C 106 19.98 -14.72 -1.63
CA GLN C 106 20.27 -14.16 -2.95
C GLN C 106 20.81 -12.75 -2.81
N GLN C 107 20.27 -11.97 -1.87
CA GLN C 107 20.68 -10.59 -1.68
C GLN C 107 21.95 -10.44 -0.86
N ASN C 108 22.31 -11.45 -0.07
CA ASN C 108 23.45 -11.36 0.85
C ASN C 108 24.34 -12.58 0.61
N ARG C 109 25.10 -12.52 -0.49
CA ARG C 109 26.02 -13.58 -0.86
C ARG C 109 27.19 -13.71 0.09
N HIS C 110 27.35 -12.78 1.03
CA HIS C 110 28.45 -12.75 1.96
C HIS C 110 28.21 -13.59 3.21
N VAL C 111 27.01 -14.13 3.41
CA VAL C 111 26.70 -14.85 4.62
C VAL C 111 27.63 -16.05 4.76
N LYS C 112 28.19 -16.24 5.94
CA LYS C 112 29.18 -17.28 6.15
C LYS C 112 28.53 -18.65 6.26
N ASP C 113 29.32 -19.68 5.93
CA ASP C 113 28.84 -21.06 6.01
C ASP C 113 28.43 -21.43 7.43
N LYS C 114 29.19 -20.93 8.42
CA LYS C 114 28.79 -21.16 9.82
C LYS C 114 27.43 -20.55 10.10
N ASN C 115 27.10 -19.45 9.43
CA ASN C 115 25.81 -18.78 9.63
C ASN C 115 24.70 -19.59 8.99
N ILE C 116 24.96 -20.16 7.81
CA ILE C 116 23.98 -21.03 7.17
C ILE C 116 23.68 -22.23 8.05
N ILE C 117 24.73 -22.84 8.62
CA ILE C 117 24.53 -23.99 9.49
C ILE C 117 23.66 -23.63 10.67
N GLU C 118 23.92 -22.48 11.30
CA GLU C 118 23.12 -22.04 12.43
C GLU C 118 21.65 -21.95 12.05
N LEU C 119 21.36 -21.34 10.91
CA LEU C 119 19.98 -21.12 10.50
C LEU C 119 19.28 -22.44 10.19
N VAL C 120 19.95 -23.32 9.43
CA VAL C 120 19.29 -24.57 9.07
C VAL C 120 19.11 -25.45 10.30
N HIS C 121 20.02 -25.36 11.28
CA HIS C 121 19.83 -26.11 12.51
C HIS C 121 18.57 -25.65 13.24
N GLN C 122 18.37 -24.33 13.32
CA GLN C 122 17.14 -23.79 13.89
C GLN C 122 15.90 -24.30 13.15
N VAL C 123 15.99 -24.45 11.83
CA VAL C 123 14.88 -25.03 11.08
C VAL C 123 14.65 -26.47 11.51
N SER C 124 15.73 -27.24 11.68
CA SER C 124 15.58 -28.63 12.14
C SER C 124 14.96 -28.69 13.53
N MET C 125 15.20 -27.68 14.37
CA MET C 125 14.60 -27.68 15.70
C MET C 125 13.10 -27.46 15.62
N GLY C 126 12.66 -26.52 14.76
CA GLY C 126 11.24 -26.34 14.54
C GLY C 126 10.59 -27.55 13.90
N MET C 127 11.33 -28.26 13.05
CA MET C 127 10.76 -29.44 12.41
C MET C 127 10.72 -30.62 13.38
N LYS C 128 11.73 -30.76 14.23
CA LYS C 128 11.69 -31.78 15.28
C LYS C 128 10.48 -31.56 16.18
N TYR C 129 10.21 -30.30 16.53
CA TYR C 129 9.00 -29.99 17.28
C TYR C 129 7.75 -30.37 16.49
N LEU C 130 7.74 -30.06 15.19
CA LEU C 130 6.61 -30.42 14.35
C LEU C 130 6.44 -31.93 14.27
N GLU C 131 7.55 -32.66 14.10
CA GLU C 131 7.52 -34.11 14.09
C GLU C 131 6.96 -34.67 15.40
N GLU C 132 7.39 -34.11 16.54
CA GLU C 132 6.90 -34.57 17.83
C GLU C 132 5.44 -34.20 18.05
N SER C 133 4.97 -33.12 17.42
CA SER C 133 3.58 -32.70 17.51
C SER C 133 2.67 -33.44 16.53
N ASN C 134 3.21 -34.39 15.77
CA ASN C 134 2.42 -35.16 14.79
C ASN C 134 1.83 -34.26 13.69
N PHE C 135 2.68 -33.37 13.17
CA PHE C 135 2.32 -32.54 12.03
C PHE C 135 3.30 -32.78 10.91
N VAL C 136 2.79 -32.89 9.70
CA VAL C 136 3.62 -32.84 8.50
C VAL C 136 3.41 -31.47 7.87
N HIS C 137 4.51 -30.85 7.42
CA HIS C 137 4.44 -29.53 6.82
C HIS C 137 4.02 -29.60 5.35
N ARG C 138 4.70 -30.46 4.58
CA ARG C 138 4.41 -30.76 3.19
C ARG C 138 4.74 -29.61 2.24
N ASP C 139 5.40 -28.55 2.71
CA ASP C 139 5.86 -27.47 1.84
C ASP C 139 7.17 -26.89 2.36
N LEU C 140 8.04 -27.75 2.90
CA LEU C 140 9.26 -27.29 3.57
C LEU C 140 10.29 -26.91 2.52
N ALA C 141 10.44 -25.60 2.30
CA ALA C 141 11.33 -25.05 1.29
C ALA C 141 11.94 -23.76 1.84
N ALA C 142 13.02 -23.31 1.20
CA ALA C 142 13.75 -22.15 1.71
C ALA C 142 12.90 -20.88 1.69
N ARG C 143 11.99 -20.76 0.72
CA ARG C 143 11.10 -19.61 0.65
C ARG C 143 10.11 -19.57 1.79
N ASN C 144 9.95 -20.69 2.51
CA ASN C 144 9.03 -20.78 3.63
C ASN C 144 9.78 -20.78 4.95
N VAL C 145 11.05 -20.38 4.93
CA VAL C 145 11.79 -20.02 6.13
C VAL C 145 11.91 -18.51 6.14
N LEU C 146 11.57 -17.89 7.27
CA LEU C 146 11.57 -16.45 7.41
C LEU C 146 12.54 -16.04 8.50
N LEU C 147 13.30 -15.00 8.22
CA LEU C 147 14.38 -14.56 9.10
C LEU C 147 13.87 -13.48 10.04
N VAL C 148 13.89 -13.76 11.34
CA VAL C 148 13.70 -12.72 12.33
C VAL C 148 14.90 -11.78 12.33
N THR C 149 16.10 -12.36 12.47
CA THR C 149 17.37 -11.72 12.18
C THR C 149 18.21 -12.69 11.35
N GLN C 150 19.42 -12.24 10.96
CA GLN C 150 20.34 -13.11 10.24
C GLN C 150 20.82 -14.28 11.11
N HIS C 151 20.39 -14.33 12.38
CA HIS C 151 20.80 -15.43 13.25
C HIS C 151 19.60 -16.12 13.91
N TYR C 152 18.39 -15.94 13.37
CA TYR C 152 17.18 -16.50 13.98
C TYR C 152 16.14 -16.72 12.88
N ALA C 153 15.93 -17.98 12.51
CA ALA C 153 14.97 -18.37 11.49
C ALA C 153 13.72 -18.98 12.12
N LYS C 154 12.58 -18.77 11.46
CA LYS C 154 11.31 -19.41 11.79
C LYS C 154 10.69 -20.00 10.53
N ILE C 155 9.95 -21.11 10.71
CA ILE C 155 9.22 -21.76 9.64
C ILE C 155 7.83 -21.13 9.52
N SER C 156 7.36 -20.95 8.29
CA SER C 156 6.02 -20.41 8.05
C SER C 156 5.27 -21.27 7.05
N ASP C 157 4.16 -20.73 6.53
CA ASP C 157 3.45 -21.23 5.36
C ASP C 157 2.92 -22.66 5.56
N PHE C 158 1.98 -22.77 6.50
CA PHE C 158 1.42 -24.06 6.88
C PHE C 158 0.15 -24.40 6.09
N GLY C 159 -0.03 -23.81 4.91
CA GLY C 159 -1.25 -24.03 4.13
C GLY C 159 -1.42 -25.45 3.64
N LEU C 160 -0.34 -26.22 3.52
CA LEU C 160 -0.42 -27.64 3.16
C LEU C 160 -0.23 -28.56 4.36
N SER C 161 -0.06 -28.01 5.56
CA SER C 161 0.29 -28.83 6.71
C SER C 161 -0.90 -29.68 7.15
N LYS C 162 -0.61 -30.83 7.73
CA LYS C 162 -1.64 -31.75 8.16
C LYS C 162 -1.24 -32.35 9.50
N ALA C 163 -2.24 -32.61 10.33
CA ALA C 163 -2.05 -33.41 11.54
C ALA C 163 -2.23 -34.89 11.19
N LEU C 164 -1.24 -35.69 11.55
CA LEU C 164 -1.36 -37.14 11.30
C LEU C 164 -2.39 -37.76 12.24
N ARG C 165 -3.07 -38.78 11.76
CA ARG C 165 -4.03 -39.51 12.59
C ARG C 165 -3.30 -40.48 13.52
N ALA C 166 -3.93 -40.77 14.65
CA ALA C 166 -3.33 -41.70 15.61
C ALA C 166 -3.23 -43.11 15.05
N ASP C 167 -3.99 -43.43 14.02
CA ASP C 167 -3.98 -44.78 13.44
C ASP C 167 -3.17 -44.85 12.16
N GLU C 168 -2.30 -43.88 11.89
CA GLU C 168 -1.57 -43.84 10.64
C GLU C 168 -0.18 -43.28 10.84
N ASN C 169 0.79 -43.85 10.13
CA ASN C 169 2.14 -43.29 10.12
C ASN C 169 2.30 -42.16 9.11
N TYR C 170 1.40 -42.04 8.14
CA TYR C 170 1.52 -41.03 7.11
C TYR C 170 0.15 -40.50 6.71
N TYR C 171 0.18 -39.33 6.09
CA TYR C 171 -1.00 -38.73 5.50
C TYR C 171 -1.00 -39.05 4.01
N LYS C 172 -2.13 -39.50 3.49
CA LYS C 172 -2.24 -39.86 2.08
C LYS C 172 -3.10 -38.82 1.38
N ALA C 173 -2.49 -38.11 0.43
CA ALA C 173 -3.17 -37.08 -0.35
C ALA C 173 -4.21 -37.69 -1.27
N GLY C 177 -4.46 -29.33 -4.74
CA GLY C 177 -3.85 -28.01 -4.66
C GLY C 177 -2.45 -27.97 -5.23
N LYS C 178 -1.57 -27.21 -4.57
CA LYS C 178 -0.22 -27.05 -5.07
C LYS C 178 0.57 -28.35 -4.90
N TRP C 179 1.55 -28.54 -5.77
CA TRP C 179 2.33 -29.77 -5.83
C TRP C 179 3.79 -29.42 -6.05
N PRO C 180 4.52 -29.09 -4.97
CA PRO C 180 5.94 -28.70 -5.13
C PRO C 180 6.84 -29.92 -5.28
N VAL C 181 6.79 -30.50 -6.47
CA VAL C 181 7.40 -31.80 -6.75
C VAL C 181 8.89 -31.79 -6.43
N LYS C 182 9.56 -30.66 -6.64
CA LYS C 182 11.00 -30.61 -6.45
C LYS C 182 11.40 -30.77 -5.00
N TRP C 183 10.45 -30.68 -4.06
CA TRP C 183 10.72 -30.87 -2.64
C TRP C 183 10.15 -32.15 -2.08
N TYR C 184 9.55 -33.01 -2.92
CA TYR C 184 8.83 -34.18 -2.44
C TYR C 184 9.66 -35.44 -2.59
N ALA C 185 9.60 -36.29 -1.56
CA ALA C 185 10.29 -37.56 -1.54
C ALA C 185 9.62 -38.54 -2.52
N PRO C 186 10.33 -39.61 -2.90
CA PRO C 186 9.75 -40.58 -3.85
C PRO C 186 8.40 -41.14 -3.42
N GLU C 187 8.20 -41.37 -2.13
CA GLU C 187 6.91 -41.92 -1.71
C GLU C 187 5.78 -40.91 -1.87
N CYS C 188 6.10 -39.61 -1.84
CA CYS C 188 5.08 -38.60 -2.09
C CYS C 188 4.68 -38.59 -3.56
N ILE C 189 5.68 -38.59 -4.44
CA ILE C 189 5.42 -38.61 -5.88
C ILE C 189 4.69 -39.89 -6.27
N ASN C 190 5.21 -41.05 -5.84
CA ASN C 190 4.70 -42.32 -6.36
C ASN C 190 3.47 -42.83 -5.62
N TYR C 191 3.32 -42.51 -4.33
CA TYR C 191 2.22 -43.07 -3.56
C TYR C 191 1.45 -42.01 -2.77
N TYR C 192 1.71 -40.73 -2.99
CA TYR C 192 0.98 -39.64 -2.32
C TYR C 192 1.00 -39.79 -0.80
N LYS C 193 2.08 -40.37 -0.28
CA LYS C 193 2.24 -40.63 1.14
C LYS C 193 3.15 -39.56 1.74
N PHE C 194 2.65 -38.86 2.76
CA PHE C 194 3.40 -37.79 3.41
C PHE C 194 3.62 -38.13 4.88
N SER C 195 4.87 -38.08 5.31
CA SER C 195 5.26 -38.36 6.69
C SER C 195 6.30 -37.34 7.12
N SER C 196 6.65 -37.37 8.41
CA SER C 196 7.79 -36.57 8.85
C SER C 196 9.05 -36.92 8.08
N LYS C 197 9.24 -38.22 7.76
CA LYS C 197 10.36 -38.61 6.91
C LYS C 197 10.29 -37.94 5.54
N SER C 198 9.08 -37.69 5.04
CA SER C 198 8.92 -36.94 3.80
C SER C 198 9.38 -35.50 3.98
N ASP C 199 9.02 -34.88 5.10
CA ASP C 199 9.54 -33.54 5.40
C ASP C 199 11.07 -33.52 5.52
N VAL C 200 11.68 -34.61 6.00
CA VAL C 200 13.14 -34.66 6.10
C VAL C 200 13.78 -34.59 4.71
N TRP C 201 13.18 -35.26 3.73
CA TRP C 201 13.66 -35.16 2.37
C TRP C 201 13.59 -33.71 1.88
N SER C 202 12.46 -33.04 2.11
CA SER C 202 12.34 -31.64 1.74
C SER C 202 13.38 -30.80 2.45
N PHE C 203 13.66 -31.13 3.72
CA PHE C 203 14.70 -30.41 4.45
C PHE C 203 16.05 -30.52 3.76
N GLY C 204 16.33 -31.69 3.14
CA GLY C 204 17.55 -31.84 2.38
C GLY C 204 17.62 -30.91 1.18
N VAL C 205 16.48 -30.75 0.48
CA VAL C 205 16.41 -29.76 -0.60
C VAL C 205 16.59 -28.35 -0.04
N LEU C 206 15.99 -28.08 1.11
CA LEU C 206 16.14 -26.77 1.75
C LEU C 206 17.60 -26.46 2.08
N MET C 207 18.31 -27.43 2.66
CA MET C 207 19.74 -27.22 2.93
C MET C 207 20.48 -26.88 1.66
N TRP C 208 20.19 -27.60 0.58
CA TRP C 208 20.84 -27.33 -0.69
C TRP C 208 20.54 -25.91 -1.18
N GLU C 209 19.28 -25.47 -1.06
CA GLU C 209 18.93 -24.10 -1.43
C GLU C 209 19.75 -23.10 -0.63
N ALA C 210 19.85 -23.32 0.68
CA ALA C 210 20.51 -22.38 1.56
C ALA C 210 22.00 -22.31 1.30
N PHE C 211 22.66 -23.46 1.06
CA PHE C 211 24.07 -23.43 0.72
C PHE C 211 24.32 -22.99 -0.71
N SER C 212 23.28 -22.97 -1.55
CA SER C 212 23.35 -22.40 -2.88
C SER C 212 22.88 -20.96 -2.91
N TYR C 213 22.73 -20.32 -1.74
CA TYR C 213 22.34 -18.92 -1.59
C TYR C 213 21.05 -18.59 -2.35
N GLY C 214 20.05 -19.45 -2.20
CA GLY C 214 18.73 -19.17 -2.74
C GLY C 214 18.52 -19.55 -4.19
N GLN C 215 19.39 -20.38 -4.75
CA GLN C 215 19.12 -20.93 -6.08
C GLN C 215 17.94 -21.89 -5.99
N LYS C 216 17.08 -21.87 -7.01
CA LYS C 216 16.01 -22.83 -7.11
C LYS C 216 16.58 -24.23 -7.39
N PRO C 217 16.01 -25.27 -6.82
CA PRO C 217 16.51 -26.63 -7.07
C PRO C 217 16.07 -27.15 -8.42
N TYR C 218 16.91 -28.01 -8.99
CA TYR C 218 16.65 -28.65 -10.28
C TYR C 218 16.25 -27.63 -11.35
N ARG C 219 17.06 -26.57 -11.47
CA ARG C 219 16.86 -25.56 -12.50
C ARG C 219 16.64 -26.19 -13.88
N GLY C 220 15.53 -25.82 -14.51
CA GLY C 220 15.27 -26.21 -15.89
C GLY C 220 14.84 -27.64 -16.10
N MET C 221 14.36 -28.32 -15.07
CA MET C 221 13.86 -29.68 -15.20
C MET C 221 12.36 -29.69 -14.97
N LYS C 222 11.69 -30.60 -15.69
CA LYS C 222 10.28 -30.89 -15.46
C LYS C 222 10.14 -31.89 -14.31
N GLY C 223 8.92 -31.96 -13.76
CA GLY C 223 8.67 -32.88 -12.66
C GLY C 223 9.08 -34.30 -12.98
N SER C 224 8.64 -34.82 -14.14
CA SER C 224 8.98 -36.19 -14.52
C SER C 224 10.47 -36.37 -14.74
N GLU C 225 11.19 -35.31 -15.07
CA GLU C 225 12.64 -35.43 -15.21
C GLU C 225 13.32 -35.51 -13.86
N VAL C 226 12.79 -34.81 -12.86
CA VAL C 226 13.35 -34.89 -11.51
C VAL C 226 13.06 -36.25 -10.90
N THR C 227 11.82 -36.71 -11.04
CA THR C 227 11.45 -38.04 -10.54
C THR C 227 12.31 -39.14 -11.17
N ALA C 228 12.55 -39.06 -12.47
CA ALA C 228 13.36 -40.08 -13.13
C ALA C 228 14.80 -40.05 -12.66
N MET C 229 15.37 -38.86 -12.53
CA MET C 229 16.75 -38.71 -12.05
C MET C 229 16.90 -39.30 -10.64
N LEU C 230 15.92 -39.05 -9.78
CA LEU C 230 15.99 -39.57 -8.41
C LEU C 230 15.88 -41.09 -8.39
N GLU C 231 14.97 -41.67 -9.20
CA GLU C 231 14.86 -43.12 -9.24
C GLU C 231 16.18 -43.78 -9.65
N LYS C 232 16.93 -43.12 -10.52
CA LYS C 232 18.25 -43.61 -10.94
C LYS C 232 19.31 -43.46 -9.86
N GLY C 233 18.99 -42.87 -8.72
CA GLY C 233 19.97 -42.67 -7.67
C GLY C 233 20.80 -41.41 -7.79
N GLU C 234 20.50 -40.54 -8.76
CA GLU C 234 21.22 -39.29 -8.95
C GLU C 234 20.63 -38.19 -8.07
N ARG C 235 21.47 -37.23 -7.71
CA ARG C 235 21.12 -36.17 -6.77
C ARG C 235 21.73 -34.85 -7.24
N MET C 236 21.17 -33.74 -6.74
CA MET C 236 21.82 -32.44 -6.93
C MET C 236 23.24 -32.47 -6.40
N GLY C 237 24.12 -31.70 -7.04
CA GLY C 237 25.53 -31.72 -6.68
C GLY C 237 25.83 -30.85 -5.47
N CYS C 238 27.06 -30.96 -5.01
CA CYS C 238 27.47 -30.23 -3.81
C CYS C 238 27.61 -28.75 -4.13
N PRO C 239 26.85 -27.88 -3.48
CA PRO C 239 27.00 -26.44 -3.74
C PRO C 239 28.41 -25.98 -3.41
N ALA C 240 28.93 -25.10 -4.26
CA ALA C 240 30.24 -24.50 -4.04
C ALA C 240 30.33 -23.93 -2.64
N GLY C 241 31.40 -24.30 -1.93
CA GLY C 241 31.63 -23.81 -0.58
C GLY C 241 30.92 -24.58 0.51
N CYS C 242 30.16 -25.60 0.16
CA CYS C 242 29.41 -26.33 1.17
C CYS C 242 30.32 -27.35 1.84
N PRO C 243 30.40 -27.37 3.16
CA PRO C 243 31.24 -28.39 3.83
C PRO C 243 30.78 -29.79 3.48
N ARG C 244 31.75 -30.71 3.39
CA ARG C 244 31.45 -32.08 2.99
C ARG C 244 30.44 -32.72 3.94
N GLU C 245 30.58 -32.47 5.24
CA GLU C 245 29.67 -33.05 6.23
C GLU C 245 28.23 -32.59 6.00
N MET C 246 28.04 -31.36 5.53
CA MET C 246 26.69 -30.91 5.24
C MET C 246 26.13 -31.55 3.98
N TYR C 247 26.97 -31.72 2.95
CA TYR C 247 26.49 -32.37 1.74
C TYR C 247 26.17 -33.85 2.01
N ASP C 248 26.97 -34.50 2.87
CA ASP C 248 26.63 -35.84 3.33
C ASP C 248 25.25 -35.85 3.98
N LEU C 249 24.97 -34.87 4.86
CA LEU C 249 23.68 -34.83 5.53
C LEU C 249 22.55 -34.63 4.53
N MET C 250 22.76 -33.77 3.53
CA MET C 250 21.81 -33.66 2.44
C MET C 250 21.54 -35.02 1.81
N ASN C 251 22.61 -35.76 1.52
CA ASN C 251 22.45 -37.07 0.88
C ASN C 251 21.77 -38.06 1.80
N LEU C 252 22.00 -37.95 3.11
CA LEU C 252 21.29 -38.77 4.09
C LEU C 252 19.80 -38.44 4.10
N CYS C 253 19.46 -37.14 4.13
CA CYS C 253 18.06 -36.74 4.03
C CYS C 253 17.43 -37.24 2.73
N TRP C 254 18.22 -37.33 1.65
CA TRP C 254 17.76 -37.87 0.38
C TRP C 254 17.92 -39.40 0.30
N THR C 255 17.81 -40.08 1.43
CA THR C 255 17.79 -41.54 1.42
C THR C 255 16.49 -42.02 0.81
N TYR C 256 16.59 -42.86 -0.23
CA TYR C 256 15.42 -43.23 -1.01
C TYR C 256 14.39 -43.99 -0.16
N ASP C 257 14.83 -44.97 0.59
CA ASP C 257 13.93 -45.79 1.39
C ASP C 257 13.45 -45.03 2.62
N VAL C 258 12.14 -45.05 2.86
CA VAL C 258 11.57 -44.24 3.93
C VAL C 258 12.12 -44.69 5.29
N GLU C 259 12.26 -46.00 5.48
CA GLU C 259 12.67 -46.51 6.78
C GLU C 259 14.14 -46.24 7.07
N ASN C 260 14.98 -46.17 6.05
CA ASN C 260 16.38 -45.88 6.29
C ASN C 260 16.70 -44.39 6.29
N ARG C 261 15.73 -43.54 5.95
CA ARG C 261 15.92 -42.11 6.07
C ARG C 261 15.84 -41.72 7.56
N PRO C 262 16.71 -40.83 8.03
CA PRO C 262 16.61 -40.40 9.43
C PRO C 262 15.40 -39.51 9.66
N GLY C 263 14.88 -39.56 10.89
CA GLY C 263 13.89 -38.59 11.34
C GLY C 263 14.57 -37.31 11.80
N PHE C 264 13.75 -36.37 12.25
CA PHE C 264 14.27 -35.05 12.60
C PHE C 264 15.01 -35.03 13.93
N ALA C 265 14.72 -35.97 14.83
CA ALA C 265 15.52 -36.05 16.05
C ALA C 265 16.99 -36.28 15.68
N ALA C 266 17.26 -37.19 14.73
CA ALA C 266 18.62 -37.47 14.33
C ALA C 266 19.20 -36.38 13.46
N VAL C 267 18.37 -35.76 12.61
CA VAL C 267 18.88 -34.66 11.79
C VAL C 267 19.25 -33.47 12.66
N GLU C 268 18.40 -33.12 13.63
CA GLU C 268 18.70 -32.00 14.53
C GLU C 268 20.03 -32.22 15.25
N LEU C 269 20.19 -33.39 15.88
CA LEU C 269 21.39 -33.66 16.68
C LEU C 269 22.65 -33.59 15.83
N ARG C 270 22.57 -34.06 14.59
CA ARG C 270 23.71 -33.96 13.68
C ARG C 270 24.09 -32.52 13.40
N LEU C 271 23.08 -31.68 13.12
CA LEU C 271 23.37 -30.27 12.87
C LEU C 271 23.88 -29.58 14.12
N ARG C 272 23.31 -29.92 15.27
CA ARG C 272 23.76 -29.35 16.54
C ARG C 272 25.22 -29.68 16.80
N ASN C 273 25.65 -30.90 16.46
CA ASN C 273 27.02 -31.33 16.75
C ASN C 273 28.02 -30.76 15.76
N TYR C 274 27.66 -30.68 14.47
CA TYR C 274 28.57 -30.06 13.53
C TYR C 274 28.68 -28.56 13.80
N TYR C 275 27.58 -27.92 14.20
CA TYR C 275 27.65 -26.50 14.55
C TYR C 275 28.57 -26.29 15.75
N TYR C 276 28.42 -27.12 16.79
CA TYR C 276 29.29 -27.01 17.95
C TYR C 276 30.75 -27.19 17.56
N ASP C 277 31.03 -28.13 16.64
CA ASP C 277 32.39 -28.32 16.13
C ASP C 277 32.89 -27.08 15.40
N VAL C 278 32.02 -26.41 14.65
CA VAL C 278 32.41 -25.22 13.91
C VAL C 278 32.06 -23.98 14.73
N TYR D 9 -40.21 -5.14 -12.56
CA TYR D 9 -39.88 -5.54 -11.19
C TYR D 9 -39.09 -4.44 -10.48
N LEU D 10 -38.23 -3.74 -11.22
CA LEU D 10 -37.56 -2.57 -10.69
C LEU D 10 -38.36 -1.30 -10.99
N ASP D 11 -38.13 -0.26 -10.18
CA ASP D 11 -38.83 1.01 -10.30
C ASP D 11 -38.08 1.91 -11.26
N ARG D 12 -38.66 2.14 -12.44
CA ARG D 12 -38.00 2.93 -13.48
C ARG D 12 -37.59 4.31 -12.96
N LYS D 13 -38.41 4.90 -12.09
CA LYS D 13 -38.11 6.23 -11.56
C LYS D 13 -36.86 6.23 -10.69
N LEU D 14 -36.42 5.07 -10.23
CA LEU D 14 -35.19 4.98 -9.45
C LEU D 14 -33.97 4.75 -10.34
N LEU D 15 -34.18 4.70 -11.65
CA LEU D 15 -33.14 4.41 -12.63
C LEU D 15 -32.89 5.63 -13.50
N THR D 16 -31.62 5.93 -13.74
CA THR D 16 -31.24 6.93 -14.72
C THR D 16 -30.18 6.33 -15.63
N LEU D 17 -30.17 6.79 -16.89
CA LEU D 17 -29.33 6.22 -17.93
C LEU D 17 -28.52 7.32 -18.60
N GLU D 18 -27.26 7.01 -18.92
CA GLU D 18 -26.43 7.92 -19.70
C GLU D 18 -26.84 7.86 -21.17
N ASP D 19 -26.75 9.02 -21.86
CA ASP D 19 -27.24 9.13 -23.23
C ASP D 19 -26.44 8.28 -24.19
N LYS D 20 -25.11 8.34 -24.10
CA LYS D 20 -24.27 7.61 -25.03
C LYS D 20 -24.34 6.11 -24.75
N GLU D 21 -24.40 5.31 -25.82
CA GLU D 21 -24.44 3.87 -25.67
C GLU D 21 -23.04 3.30 -25.47
N LEU D 22 -22.94 2.26 -24.65
CA LEU D 22 -21.68 1.55 -24.50
C LEU D 22 -21.40 0.67 -25.71
N GLY D 23 -22.44 0.07 -26.28
CA GLY D 23 -22.25 -0.87 -27.36
C GLY D 23 -23.55 -1.18 -28.08
N SER D 24 -23.41 -1.69 -29.29
CA SER D 24 -24.50 -2.04 -30.20
C SER D 24 -25.63 -1.02 -30.19
N GLY D 28 -29.70 -5.53 -29.28
CA GLY D 28 -30.15 -4.46 -28.40
C GLY D 28 -29.12 -3.37 -28.16
N THR D 29 -29.27 -2.64 -27.05
CA THR D 29 -28.35 -1.59 -26.67
C THR D 29 -27.92 -1.80 -25.22
N VAL D 30 -26.64 -1.54 -24.95
CA VAL D 30 -26.10 -1.60 -23.59
C VAL D 30 -25.76 -0.17 -23.17
N LYS D 31 -26.24 0.23 -21.99
CA LYS D 31 -26.02 1.58 -21.49
C LYS D 31 -25.49 1.56 -20.06
N LYS D 32 -24.65 2.53 -19.77
CA LYS D 32 -24.28 2.84 -18.39
C LYS D 32 -25.43 3.60 -17.74
N GLY D 33 -25.64 3.33 -16.45
CA GLY D 33 -26.70 4.00 -15.71
C GLY D 33 -26.49 3.88 -14.21
N TYR D 34 -27.50 4.33 -13.48
CA TYR D 34 -27.41 4.38 -12.03
C TYR D 34 -28.76 3.99 -11.44
N TYR D 35 -28.74 3.13 -10.42
CA TYR D 35 -29.96 2.65 -9.78
C TYR D 35 -29.94 2.99 -8.31
N GLN D 36 -31.04 3.55 -7.82
CA GLN D 36 -31.11 4.01 -6.44
C GLN D 36 -31.48 2.86 -5.51
N MET D 37 -30.63 2.64 -4.51
CA MET D 37 -30.93 1.76 -3.39
C MET D 37 -30.49 2.50 -2.13
N LYS D 38 -31.46 3.08 -1.42
CA LYS D 38 -31.28 3.91 -0.24
C LYS D 38 -30.55 5.20 -0.64
N LYS D 39 -29.74 5.77 0.26
CA LYS D 39 -29.05 7.03 0.02
C LYS D 39 -27.95 6.92 -1.03
N VAL D 40 -27.69 5.73 -1.55
CA VAL D 40 -26.55 5.50 -2.43
C VAL D 40 -27.07 5.02 -3.79
N VAL D 41 -26.26 5.23 -4.80
CA VAL D 41 -26.58 4.82 -6.16
C VAL D 41 -25.59 3.74 -6.57
N LYS D 42 -26.10 2.66 -7.16
CA LYS D 42 -25.25 1.61 -7.69
C LYS D 42 -25.07 1.82 -9.18
N THR D 43 -23.82 1.80 -9.64
CA THR D 43 -23.55 1.92 -11.07
C THR D 43 -23.90 0.62 -11.77
N VAL D 44 -24.70 0.72 -12.83
CA VAL D 44 -25.26 -0.44 -13.49
C VAL D 44 -24.99 -0.39 -14.99
N ALA D 45 -24.89 -1.57 -15.59
CA ALA D 45 -25.03 -1.73 -17.03
C ALA D 45 -26.45 -2.19 -17.32
N VAL D 46 -27.07 -1.59 -18.33
CA VAL D 46 -28.46 -1.88 -18.65
C VAL D 46 -28.52 -2.39 -20.08
N LYS D 47 -29.06 -3.60 -20.25
CA LYS D 47 -29.34 -4.14 -21.58
C LYS D 47 -30.75 -3.71 -21.96
N ILE D 48 -30.88 -2.91 -23.02
CA ILE D 48 -32.14 -2.29 -23.41
C ILE D 48 -32.60 -2.92 -24.72
N LEU D 49 -33.73 -3.60 -24.68
CA LEU D 49 -34.18 -4.36 -25.83
C LEU D 49 -34.68 -3.43 -26.94
N LYS D 50 -34.26 -3.72 -28.16
CA LYS D 50 -34.65 -2.90 -29.31
C LYS D 50 -36.13 -3.10 -29.64
N LEU D 58 -37.32 -11.88 -28.71
CA LEU D 58 -38.51 -11.46 -27.98
C LEU D 58 -38.16 -10.97 -26.57
N LYS D 59 -39.19 -10.56 -25.84
CA LYS D 59 -39.03 -10.28 -24.42
C LYS D 59 -38.96 -11.55 -23.59
N ASP D 60 -39.51 -12.66 -24.09
CA ASP D 60 -39.46 -13.91 -23.35
C ASP D 60 -38.03 -14.37 -23.14
N GLU D 61 -37.13 -14.00 -24.05
CA GLU D 61 -35.73 -14.39 -23.88
C GLU D 61 -35.03 -13.53 -22.84
N LEU D 62 -35.42 -12.27 -22.69
CA LEU D 62 -34.86 -11.47 -21.62
C LEU D 62 -35.32 -11.98 -20.26
N LEU D 63 -36.59 -12.39 -20.18
CA LEU D 63 -37.12 -12.87 -18.90
C LEU D 63 -36.50 -14.20 -18.51
N ALA D 64 -36.31 -15.10 -19.49
CA ALA D 64 -35.58 -16.33 -19.22
C ALA D 64 -34.15 -16.06 -18.80
N GLU D 65 -33.51 -15.08 -19.46
CA GLU D 65 -32.16 -14.69 -19.06
C GLU D 65 -32.15 -14.17 -17.62
N ALA D 66 -33.15 -13.37 -17.25
CA ALA D 66 -33.23 -12.86 -15.88
C ALA D 66 -33.56 -13.98 -14.89
N ASN D 67 -34.37 -14.95 -15.32
CA ASN D 67 -34.71 -16.09 -14.48
C ASN D 67 -33.47 -16.89 -14.10
N VAL D 68 -32.53 -17.03 -15.04
CA VAL D 68 -31.29 -17.72 -14.73
C VAL D 68 -30.46 -16.91 -13.74
N MET D 69 -30.27 -15.62 -14.03
CA MET D 69 -29.33 -14.81 -13.27
C MET D 69 -29.77 -14.65 -11.82
N GLN D 70 -31.09 -14.62 -11.57
CA GLN D 70 -31.58 -14.50 -10.21
C GLN D 70 -31.09 -15.64 -9.31
N GLN D 71 -30.89 -16.82 -9.89
CA GLN D 71 -30.49 -17.98 -9.11
C GLN D 71 -29.00 -18.01 -8.80
N LEU D 72 -28.21 -17.12 -9.38
CA LEU D 72 -26.75 -17.20 -9.31
C LEU D 72 -26.21 -16.16 -8.35
N ASP D 73 -25.13 -16.51 -7.64
CA ASP D 73 -24.51 -15.59 -6.70
C ASP D 73 -23.05 -15.97 -6.54
N ASN D 74 -22.17 -15.29 -7.28
CA ASN D 74 -20.76 -15.66 -7.26
C ASN D 74 -19.94 -14.47 -7.73
N PRO D 75 -18.78 -14.22 -7.13
CA PRO D 75 -18.01 -13.01 -7.51
C PRO D 75 -17.53 -13.02 -8.95
N TYR D 76 -17.48 -14.17 -9.61
CA TYR D 76 -17.00 -14.25 -10.98
C TYR D 76 -18.13 -14.39 -11.98
N ILE D 77 -19.35 -14.02 -11.58
CA ILE D 77 -20.55 -14.02 -12.42
C ILE D 77 -21.18 -12.65 -12.31
N VAL D 78 -21.64 -12.10 -13.43
CA VAL D 78 -22.31 -10.80 -13.38
C VAL D 78 -23.59 -10.92 -12.59
N ARG D 79 -23.77 -10.04 -11.60
CA ARG D 79 -24.95 -10.05 -10.74
C ARG D 79 -26.05 -9.20 -11.38
N MET D 80 -27.26 -9.73 -11.39
CA MET D 80 -28.40 -9.00 -11.91
C MET D 80 -29.06 -8.19 -10.79
N ILE D 81 -29.27 -6.90 -11.06
CA ILE D 81 -30.09 -6.09 -10.15
C ILE D 81 -31.56 -6.42 -10.32
N GLY D 82 -32.03 -6.43 -11.56
CA GLY D 82 -33.39 -6.84 -11.82
C GLY D 82 -33.84 -6.41 -13.20
N ILE D 83 -35.11 -6.67 -13.46
CA ILE D 83 -35.77 -6.38 -14.71
C ILE D 83 -36.63 -5.13 -14.51
N CYS D 84 -36.61 -4.24 -15.50
CA CYS D 84 -37.42 -3.03 -15.47
C CYS D 84 -38.30 -3.00 -16.71
N GLU D 85 -39.60 -3.03 -16.49
CA GLU D 85 -40.59 -2.94 -17.57
C GLU D 85 -41.00 -1.48 -17.68
N ALA D 86 -40.32 -0.73 -18.55
CA ALA D 86 -40.61 0.68 -18.72
C ALA D 86 -40.81 1.02 -20.19
N GLU D 87 -40.26 2.15 -20.64
CA GLU D 87 -40.40 2.54 -22.04
C GLU D 87 -39.86 1.46 -22.96
N SER D 88 -38.86 0.72 -22.49
CA SER D 88 -38.37 -0.47 -23.16
C SER D 88 -38.16 -1.53 -22.08
N TRP D 89 -38.07 -2.78 -22.50
CA TRP D 89 -37.70 -3.84 -21.58
C TRP D 89 -36.21 -3.77 -21.27
N MET D 90 -35.85 -3.85 -19.99
CA MET D 90 -34.48 -3.61 -19.58
C MET D 90 -34.00 -4.65 -18.57
N LEU D 91 -32.75 -5.08 -18.73
CA LEU D 91 -32.07 -5.95 -17.79
C LEU D 91 -30.98 -5.15 -17.10
N VAL D 92 -31.10 -4.99 -15.79
CA VAL D 92 -30.23 -4.11 -15.02
C VAL D 92 -29.24 -4.99 -14.26
N MET D 93 -27.96 -4.81 -14.56
CA MET D 93 -26.87 -5.58 -13.98
C MET D 93 -25.88 -4.65 -13.31
N GLU D 94 -25.10 -5.19 -12.37
CA GLU D 94 -23.96 -4.46 -11.85
C GLU D 94 -22.99 -4.19 -12.99
N MET D 95 -22.39 -3.00 -12.98
CA MET D 95 -21.47 -2.62 -14.04
C MET D 95 -20.12 -3.33 -13.88
N ALA D 96 -19.61 -3.90 -14.97
CA ALA D 96 -18.21 -4.28 -15.11
C ALA D 96 -17.60 -3.30 -16.11
N GLU D 97 -16.95 -2.26 -15.58
CA GLU D 97 -16.69 -1.02 -16.32
C GLU D 97 -15.99 -1.26 -17.65
N LEU D 98 -15.12 -2.27 -17.73
CA LEU D 98 -14.19 -2.36 -18.86
C LEU D 98 -14.74 -3.16 -20.04
N GLY D 99 -15.86 -3.85 -19.88
CA GLY D 99 -16.57 -4.40 -21.01
C GLY D 99 -16.02 -5.72 -21.51
N PRO D 100 -16.50 -6.16 -22.66
CA PRO D 100 -16.18 -7.51 -23.15
C PRO D 100 -14.69 -7.76 -23.27
N LEU D 101 -14.28 -8.98 -22.91
CA LEU D 101 -12.87 -9.31 -22.87
C LEU D 101 -12.26 -9.32 -24.27
N ASN D 102 -12.98 -9.81 -25.27
CA ASN D 102 -12.40 -9.86 -26.62
C ASN D 102 -12.10 -8.44 -27.11
N LYS D 103 -13.06 -7.51 -26.93
CA LYS D 103 -12.83 -6.12 -27.30
C LYS D 103 -11.63 -5.54 -26.58
N TYR D 104 -11.52 -5.79 -25.27
CA TYR D 104 -10.44 -5.21 -24.47
C TYR D 104 -9.07 -5.64 -24.99
N LEU D 105 -8.92 -6.91 -25.34
CA LEU D 105 -7.62 -7.41 -25.80
C LEU D 105 -7.32 -6.92 -27.21
N GLN D 106 -8.34 -6.71 -28.03
CA GLN D 106 -8.11 -6.12 -29.35
C GLN D 106 -7.58 -4.69 -29.22
N GLN D 107 -7.98 -3.97 -28.17
CA GLN D 107 -7.52 -2.60 -27.98
C GLN D 107 -6.27 -2.52 -27.12
N ASN D 108 -5.96 -3.55 -26.34
CA ASN D 108 -4.80 -3.56 -25.45
C ASN D 108 -3.97 -4.78 -25.82
N ARG D 109 -3.21 -4.65 -26.92
CA ARG D 109 -2.43 -5.75 -27.45
C ARG D 109 -1.27 -6.17 -26.56
N HIS D 110 -0.95 -5.41 -25.51
CA HIS D 110 0.23 -5.67 -24.70
C HIS D 110 -0.11 -6.04 -23.27
N VAL D 111 -1.32 -6.59 -23.06
CA VAL D 111 -1.60 -7.24 -21.79
C VAL D 111 -0.76 -8.50 -21.70
N LYS D 112 -0.14 -8.70 -20.54
CA LYS D 112 0.87 -9.75 -20.39
C LYS D 112 0.22 -11.12 -20.27
N ASP D 113 0.98 -12.15 -20.65
CA ASP D 113 0.47 -13.52 -20.60
C ASP D 113 0.13 -13.93 -19.17
N LYS D 114 0.92 -13.46 -18.19
CA LYS D 114 0.57 -13.65 -16.79
C LYS D 114 -0.79 -13.04 -16.49
N ASN D 115 -1.06 -11.85 -17.02
CA ASN D 115 -2.36 -11.20 -16.83
C ASN D 115 -3.48 -12.02 -17.47
N ILE D 116 -3.24 -12.55 -18.67
CA ILE D 116 -4.25 -13.34 -19.36
C ILE D 116 -4.57 -14.59 -18.55
N ILE D 117 -3.54 -15.25 -18.00
CA ILE D 117 -3.75 -16.47 -17.23
C ILE D 117 -4.60 -16.18 -15.99
N GLU D 118 -4.30 -15.08 -15.30
CA GLU D 118 -5.12 -14.65 -14.17
C GLU D 118 -6.59 -14.54 -14.54
N LEU D 119 -6.87 -13.95 -15.70
CA LEU D 119 -8.26 -13.68 -16.07
C LEU D 119 -8.98 -14.97 -16.46
N VAL D 120 -8.35 -15.81 -17.30
CA VAL D 120 -8.99 -17.06 -17.67
C VAL D 120 -9.17 -17.97 -16.47
N HIS D 121 -8.27 -17.89 -15.47
CA HIS D 121 -8.48 -18.67 -14.26
C HIS D 121 -9.71 -18.19 -13.49
N GLN D 122 -9.90 -16.87 -13.42
CA GLN D 122 -11.11 -16.35 -12.80
C GLN D 122 -12.35 -16.86 -13.54
N VAL D 123 -12.34 -16.82 -14.87
CA VAL D 123 -13.43 -17.41 -15.64
C VAL D 123 -13.65 -18.87 -15.21
N SER D 124 -12.57 -19.63 -15.08
CA SER D 124 -12.71 -21.03 -14.71
C SER D 124 -13.28 -21.19 -13.30
N MET D 125 -13.00 -20.24 -12.41
CA MET D 125 -13.63 -20.27 -11.10
C MET D 125 -15.11 -19.96 -11.19
N GLY D 126 -15.47 -19.00 -12.05
CA GLY D 126 -16.88 -18.76 -12.31
C GLY D 126 -17.56 -19.98 -12.91
N MET D 127 -16.87 -20.68 -13.81
CA MET D 127 -17.49 -21.86 -14.44
C MET D 127 -17.53 -23.06 -13.51
N LYS D 128 -16.57 -23.20 -12.60
CA LYS D 128 -16.65 -24.27 -11.61
C LYS D 128 -17.86 -24.08 -10.71
N TYR D 129 -18.15 -22.83 -10.31
CA TYR D 129 -19.35 -22.54 -9.55
C TYR D 129 -20.61 -22.90 -10.33
N LEU D 130 -20.66 -22.53 -11.62
CA LEU D 130 -21.80 -22.88 -12.46
C LEU D 130 -21.96 -24.38 -12.57
N GLU D 131 -20.86 -25.09 -12.81
CA GLU D 131 -20.87 -26.55 -12.91
C GLU D 131 -21.37 -27.20 -11.61
N GLU D 132 -20.99 -26.62 -10.46
CA GLU D 132 -21.46 -27.12 -9.18
C GLU D 132 -22.93 -26.77 -8.91
N SER D 133 -23.44 -25.74 -9.57
CA SER D 133 -24.85 -25.35 -9.44
C SER D 133 -25.75 -26.02 -10.47
N ASN D 134 -25.21 -26.95 -11.26
CA ASN D 134 -25.98 -27.69 -12.28
C ASN D 134 -26.61 -26.75 -13.32
N PHE D 135 -25.82 -25.80 -13.79
CA PHE D 135 -26.19 -24.95 -14.92
C PHE D 135 -25.18 -25.16 -16.04
N VAL D 136 -25.66 -25.11 -17.28
CA VAL D 136 -24.78 -25.06 -18.44
C VAL D 136 -24.93 -23.68 -19.08
N HIS D 137 -23.81 -23.03 -19.39
CA HIS D 137 -23.86 -21.67 -19.91
C HIS D 137 -24.30 -21.65 -21.37
N ARG D 138 -23.66 -22.48 -22.20
CA ARG D 138 -23.98 -22.71 -23.61
C ARG D 138 -23.64 -21.53 -24.51
N ASP D 139 -22.97 -20.51 -24.01
CA ASP D 139 -22.46 -19.44 -24.87
C ASP D 139 -21.15 -18.92 -24.32
N LEU D 140 -20.28 -19.81 -23.86
CA LEU D 140 -19.08 -19.40 -23.15
C LEU D 140 -18.02 -18.99 -24.17
N ALA D 141 -17.76 -17.69 -24.25
CA ALA D 141 -16.85 -17.12 -25.23
C ALA D 141 -16.27 -15.85 -24.63
N ALA D 142 -15.19 -15.36 -25.25
CA ALA D 142 -14.48 -14.21 -24.71
C ALA D 142 -15.35 -12.95 -24.71
N ARG D 143 -16.22 -12.79 -25.72
CA ARG D 143 -17.13 -11.64 -25.73
C ARG D 143 -18.10 -11.66 -24.57
N ASN D 144 -18.34 -12.82 -23.97
CA ASN D 144 -19.23 -12.93 -22.84
C ASN D 144 -18.48 -12.98 -21.52
N VAL D 145 -17.21 -12.57 -21.54
CA VAL D 145 -16.44 -12.30 -20.33
C VAL D 145 -16.28 -10.80 -20.21
N LEU D 146 -16.65 -10.24 -19.07
CA LEU D 146 -16.61 -8.80 -18.87
C LEU D 146 -15.58 -8.46 -17.79
N LEU D 147 -14.82 -7.41 -18.05
CA LEU D 147 -13.75 -7.01 -17.16
C LEU D 147 -14.26 -5.95 -16.19
N VAL D 148 -14.18 -6.24 -14.90
CA VAL D 148 -14.40 -5.21 -13.89
C VAL D 148 -13.19 -4.29 -13.85
N THR D 149 -12.02 -4.88 -13.76
CA THR D 149 -10.72 -4.25 -13.99
C THR D 149 -9.94 -5.17 -14.90
N GLN D 150 -8.73 -4.76 -15.29
CA GLN D 150 -7.84 -5.62 -16.05
C GLN D 150 -7.41 -6.86 -15.27
N HIS D 151 -7.70 -6.92 -13.97
CA HIS D 151 -7.33 -8.04 -13.12
C HIS D 151 -8.54 -8.70 -12.47
N TYR D 152 -9.72 -8.55 -13.07
CA TYR D 152 -10.95 -9.10 -12.46
C TYR D 152 -12.01 -9.28 -13.53
N ALA D 153 -12.27 -10.52 -13.91
CA ALA D 153 -13.22 -10.87 -14.95
C ALA D 153 -14.47 -11.50 -14.34
N LYS D 154 -15.61 -11.22 -14.96
CA LYS D 154 -16.87 -11.88 -14.64
C LYS D 154 -17.45 -12.46 -15.91
N ILE D 155 -18.27 -13.49 -15.73
CA ILE D 155 -18.98 -14.12 -16.85
C ILE D 155 -20.37 -13.49 -16.98
N SER D 156 -20.76 -13.14 -18.20
CA SER D 156 -22.07 -12.58 -18.46
C SER D 156 -22.86 -13.44 -19.44
N ASP D 157 -24.00 -12.90 -19.87
CA ASP D 157 -24.72 -13.34 -21.06
C ASP D 157 -25.28 -14.74 -20.95
N PHE D 158 -26.30 -14.89 -20.11
CA PHE D 158 -26.92 -16.17 -19.81
C PHE D 158 -28.15 -16.44 -20.66
N GLY D 159 -28.24 -15.83 -21.85
CA GLY D 159 -29.44 -15.97 -22.66
C GLY D 159 -29.70 -17.39 -23.13
N LEU D 160 -28.65 -18.19 -23.29
CA LEU D 160 -28.77 -19.58 -23.70
C LEU D 160 -28.62 -20.56 -22.55
N SER D 161 -28.44 -20.08 -21.33
CA SER D 161 -28.07 -20.95 -20.21
C SER D 161 -29.26 -21.79 -19.77
N LYS D 162 -28.95 -22.98 -19.25
CA LYS D 162 -29.99 -23.91 -18.82
C LYS D 162 -29.60 -24.55 -17.50
N ALA D 163 -30.60 -24.74 -16.64
CA ALA D 163 -30.40 -25.56 -15.44
C ALA D 163 -30.63 -27.02 -15.80
N LEU D 164 -29.66 -27.88 -15.48
CA LEU D 164 -29.83 -29.30 -15.77
C LEU D 164 -30.89 -29.88 -14.85
N ARG D 165 -31.72 -30.76 -15.39
CA ARG D 165 -32.69 -31.46 -14.55
C ARG D 165 -31.97 -32.46 -13.66
N ALA D 166 -32.54 -32.73 -12.49
CA ALA D 166 -31.91 -33.67 -11.56
C ALA D 166 -31.82 -35.08 -12.14
N ASP D 167 -32.61 -35.41 -13.16
CA ASP D 167 -32.63 -36.74 -13.72
C ASP D 167 -31.84 -36.85 -15.03
N GLU D 168 -30.97 -35.88 -15.30
CA GLU D 168 -30.22 -35.83 -16.56
C GLU D 168 -28.86 -35.21 -16.28
N ASN D 169 -27.84 -35.69 -17.00
CA ASN D 169 -26.51 -35.10 -16.92
C ASN D 169 -26.25 -34.12 -18.06
N TYR D 170 -27.24 -33.84 -18.90
CA TYR D 170 -27.07 -32.91 -20.01
C TYR D 170 -28.43 -32.36 -20.40
N TYR D 171 -28.42 -31.17 -20.97
CA TYR D 171 -29.60 -30.58 -21.58
C TYR D 171 -29.64 -30.96 -23.05
N LYS D 172 -30.79 -31.45 -23.50
CA LYS D 172 -30.97 -31.81 -24.90
C LYS D 172 -31.89 -30.77 -25.54
N ALA D 173 -31.38 -30.09 -26.57
CA ALA D 173 -32.13 -29.07 -27.29
C ALA D 173 -33.01 -29.70 -28.37
N LYS D 178 -30.39 -19.36 -32.72
CA LYS D 178 -29.00 -18.94 -32.61
C LYS D 178 -28.15 -20.11 -32.13
N TRP D 179 -26.95 -20.23 -32.69
CA TRP D 179 -26.04 -21.33 -32.35
C TRP D 179 -24.61 -20.90 -32.60
N PRO D 180 -23.87 -20.52 -31.55
CA PRO D 180 -22.44 -20.18 -31.72
C PRO D 180 -21.59 -21.41 -31.97
N VAL D 181 -21.79 -22.03 -33.15
CA VAL D 181 -21.23 -23.34 -33.45
C VAL D 181 -19.73 -23.38 -33.23
N LYS D 182 -19.02 -22.28 -33.54
CA LYS D 182 -17.57 -22.28 -33.42
C LYS D 182 -17.08 -22.48 -31.99
N TRP D 183 -17.94 -22.28 -31.00
CA TRP D 183 -17.58 -22.55 -29.60
C TRP D 183 -18.14 -23.89 -29.09
N TYR D 184 -18.79 -24.67 -29.94
CA TYR D 184 -19.54 -25.84 -29.49
C TYR D 184 -18.75 -27.13 -29.69
N ALA D 185 -18.89 -28.05 -28.72
CA ALA D 185 -18.24 -29.35 -28.75
C ALA D 185 -18.98 -30.28 -29.72
N PRO D 186 -18.27 -31.27 -30.26
CA PRO D 186 -18.91 -32.19 -31.23
C PRO D 186 -20.22 -32.80 -30.77
N GLU D 187 -20.34 -33.20 -29.50
CA GLU D 187 -21.60 -33.77 -29.05
C GLU D 187 -22.73 -32.75 -29.04
N CYS D 188 -22.42 -31.45 -28.97
CA CYS D 188 -23.46 -30.44 -29.14
C CYS D 188 -23.93 -30.39 -30.59
N ILE D 189 -22.97 -30.37 -31.52
CA ILE D 189 -23.28 -30.23 -32.93
C ILE D 189 -24.00 -31.47 -33.44
N ASN D 190 -23.51 -32.65 -33.06
CA ASN D 190 -23.99 -33.90 -33.64
C ASN D 190 -25.20 -34.46 -32.91
N TYR D 191 -25.34 -34.22 -31.60
CA TYR D 191 -26.41 -34.83 -30.83
C TYR D 191 -27.23 -33.85 -30.01
N TYR D 192 -26.98 -32.54 -30.11
CA TYR D 192 -27.74 -31.53 -29.40
C TYR D 192 -27.66 -31.68 -27.88
N LYS D 193 -26.59 -32.31 -27.38
CA LYS D 193 -26.40 -32.53 -25.96
C LYS D 193 -25.42 -31.51 -25.39
N PHE D 194 -25.80 -30.88 -24.29
CA PHE D 194 -25.01 -29.84 -23.65
C PHE D 194 -24.82 -30.18 -22.18
N SER D 195 -23.58 -30.35 -21.76
CA SER D 195 -23.24 -30.61 -20.37
C SER D 195 -22.20 -29.60 -19.93
N SER D 196 -21.80 -29.69 -18.66
CA SER D 196 -20.67 -28.86 -18.22
C SER D 196 -19.40 -29.20 -18.98
N LYS D 197 -19.23 -30.47 -19.36
CA LYS D 197 -18.12 -30.85 -20.24
C LYS D 197 -18.20 -30.14 -21.58
N SER D 198 -19.42 -29.89 -22.06
CA SER D 198 -19.57 -29.12 -23.29
C SER D 198 -19.10 -27.67 -23.09
N ASP D 199 -19.40 -27.08 -21.93
CA ASP D 199 -18.85 -25.75 -21.63
C ASP D 199 -17.33 -25.77 -21.53
N VAL D 200 -16.73 -26.88 -21.07
CA VAL D 200 -15.28 -26.97 -20.99
C VAL D 200 -14.67 -26.81 -22.37
N TRP D 201 -15.29 -27.43 -23.37
CA TRP D 201 -14.81 -27.27 -24.75
C TRP D 201 -14.85 -25.81 -25.18
N SER D 202 -15.98 -25.13 -24.91
CA SER D 202 -16.08 -23.71 -25.23
C SER D 202 -15.02 -22.92 -24.50
N PHE D 203 -14.75 -23.28 -23.24
CA PHE D 203 -13.68 -22.63 -22.47
C PHE D 203 -12.34 -22.75 -23.17
N GLY D 204 -12.08 -23.89 -23.80
CA GLY D 204 -10.86 -24.03 -24.58
C GLY D 204 -10.79 -23.05 -25.74
N VAL D 205 -11.92 -22.84 -26.44
CA VAL D 205 -11.96 -21.83 -27.48
C VAL D 205 -11.77 -20.45 -26.87
N LEU D 206 -12.35 -20.21 -25.69
CA LEU D 206 -12.20 -18.91 -25.04
C LEU D 206 -10.75 -18.63 -24.70
N MET D 207 -10.03 -19.63 -24.18
CA MET D 207 -8.60 -19.47 -23.91
C MET D 207 -7.85 -19.11 -25.18
N TRP D 208 -8.15 -19.81 -26.27
CA TRP D 208 -7.52 -19.50 -27.56
C TRP D 208 -7.80 -18.06 -27.98
N GLU D 209 -9.04 -17.60 -27.79
CA GLU D 209 -9.35 -16.19 -28.07
C GLU D 209 -8.51 -15.28 -27.19
N ALA D 210 -8.42 -15.61 -25.91
CA ALA D 210 -7.72 -14.77 -24.95
C ALA D 210 -6.23 -14.67 -25.29
N PHE D 211 -5.61 -15.78 -25.70
CA PHE D 211 -4.20 -15.67 -26.03
C PHE D 211 -3.97 -15.20 -27.46
N SER D 212 -5.03 -15.09 -28.26
CA SER D 212 -4.98 -14.46 -29.58
C SER D 212 -5.47 -13.02 -29.53
N TYR D 213 -5.64 -12.45 -28.34
CA TYR D 213 -6.00 -11.05 -28.13
C TYR D 213 -7.29 -10.66 -28.85
N GLY D 214 -8.33 -11.48 -28.65
CA GLY D 214 -9.65 -11.17 -29.16
C GLY D 214 -9.88 -11.51 -30.62
N GLN D 215 -9.00 -12.30 -31.23
CA GLN D 215 -9.22 -12.76 -32.58
C GLN D 215 -10.37 -13.76 -32.63
N LYS D 216 -11.10 -13.76 -33.74
CA LYS D 216 -12.18 -14.71 -33.92
C LYS D 216 -11.60 -16.10 -34.16
N PRO D 217 -12.21 -17.15 -33.60
CA PRO D 217 -11.75 -18.50 -33.87
C PRO D 217 -12.24 -18.96 -35.23
N TYR D 218 -11.42 -19.79 -35.88
CA TYR D 218 -11.76 -20.38 -37.17
C TYR D 218 -12.13 -19.31 -38.20
N ARG D 219 -11.30 -18.27 -38.28
CA ARG D 219 -11.61 -17.15 -39.17
C ARG D 219 -11.64 -17.62 -40.62
N GLY D 220 -12.71 -17.25 -41.33
CA GLY D 220 -12.84 -17.64 -42.72
C GLY D 220 -13.42 -19.03 -42.96
N MET D 221 -13.93 -19.69 -41.93
CA MET D 221 -14.50 -21.03 -42.09
C MET D 221 -15.99 -21.00 -41.80
N LYS D 222 -16.75 -21.74 -42.60
CA LYS D 222 -18.17 -21.93 -42.33
C LYS D 222 -18.35 -22.95 -41.20
N GLY D 223 -19.53 -22.91 -40.60
CA GLY D 223 -19.81 -23.85 -39.52
C GLY D 223 -19.59 -25.29 -39.93
N SER D 224 -19.99 -25.63 -41.16
CA SER D 224 -19.84 -27.00 -41.64
C SER D 224 -18.37 -27.37 -41.79
N GLU D 225 -17.51 -26.40 -42.12
CA GLU D 225 -16.10 -26.73 -42.29
C GLU D 225 -15.40 -26.90 -40.94
N VAL D 226 -15.81 -26.16 -39.91
CA VAL D 226 -15.23 -26.36 -38.59
C VAL D 226 -15.59 -27.75 -38.05
N THR D 227 -16.86 -28.14 -38.19
CA THR D 227 -17.29 -29.46 -37.74
C THR D 227 -16.46 -30.57 -38.38
N ALA D 228 -16.21 -30.48 -39.70
CA ALA D 228 -15.49 -31.54 -40.38
C ALA D 228 -14.02 -31.58 -39.94
N MET D 229 -13.41 -30.41 -39.76
CA MET D 229 -12.04 -30.35 -39.27
C MET D 229 -11.93 -30.93 -37.87
N LEU D 230 -12.92 -30.67 -37.02
CA LEU D 230 -12.90 -31.20 -35.65
C LEU D 230 -13.06 -32.71 -35.65
N GLU D 231 -13.94 -33.23 -36.50
CA GLU D 231 -14.11 -34.68 -36.60
C GLU D 231 -12.84 -35.37 -37.08
N LYS D 232 -12.06 -34.69 -37.94
CA LYS D 232 -10.81 -35.26 -38.42
C LYS D 232 -9.74 -35.32 -37.34
N GLY D 233 -9.90 -34.57 -36.25
CA GLY D 233 -8.87 -34.48 -35.25
C GLY D 233 -8.02 -33.23 -35.33
N GLU D 234 -8.33 -32.31 -36.23
CA GLU D 234 -7.55 -31.09 -36.35
C GLU D 234 -8.08 -30.05 -35.36
N ARG D 235 -7.19 -29.14 -34.96
CA ARG D 235 -7.49 -28.11 -33.96
C ARG D 235 -6.85 -26.81 -34.42
N MET D 236 -7.34 -25.70 -33.84
CA MET D 236 -6.68 -24.41 -34.04
C MET D 236 -5.25 -24.47 -33.53
N GLY D 237 -4.37 -23.68 -34.17
CA GLY D 237 -2.97 -23.70 -33.80
C GLY D 237 -2.67 -22.92 -32.53
N CYS D 238 -1.42 -23.01 -32.11
CA CYS D 238 -1.00 -22.31 -30.91
C CYS D 238 -0.86 -20.83 -31.21
N PRO D 239 -1.56 -19.95 -30.52
CA PRO D 239 -1.36 -18.51 -30.72
C PRO D 239 0.09 -18.13 -30.45
N ALA D 240 0.61 -17.21 -31.28
CA ALA D 240 1.97 -16.72 -31.12
C ALA D 240 2.17 -16.20 -29.71
N GLY D 241 3.26 -16.62 -29.08
CA GLY D 241 3.56 -16.19 -27.73
C GLY D 241 2.77 -16.90 -26.65
N CYS D 242 1.93 -17.86 -27.01
CA CYS D 242 1.17 -18.58 -26.00
C CYS D 242 2.04 -19.64 -25.32
N PRO D 243 2.10 -19.69 -24.00
CA PRO D 243 2.86 -20.74 -23.34
C PRO D 243 2.34 -22.12 -23.74
N ARG D 244 3.26 -23.09 -23.80
CA ARG D 244 2.89 -24.41 -24.28
C ARG D 244 1.98 -25.13 -23.29
N GLU D 245 2.18 -24.90 -21.99
CA GLU D 245 1.31 -25.48 -20.98
C GLU D 245 -0.13 -25.00 -21.15
N MET D 246 -0.33 -23.77 -21.61
CA MET D 246 -1.68 -23.29 -21.84
C MET D 246 -2.26 -23.83 -23.15
N TYR D 247 -1.44 -24.00 -24.19
CA TYR D 247 -1.94 -24.63 -25.41
C TYR D 247 -2.31 -26.08 -25.18
N ASP D 248 -1.48 -26.81 -24.40
CA ASP D 248 -1.86 -28.15 -23.96
C ASP D 248 -3.23 -28.14 -23.27
N LEU D 249 -3.45 -27.17 -22.38
CA LEU D 249 -4.71 -27.12 -21.65
C LEU D 249 -5.89 -26.87 -22.59
N MET D 250 -5.72 -26.02 -23.60
CA MET D 250 -6.71 -25.86 -24.66
C MET D 250 -7.03 -27.20 -25.31
N ASN D 251 -5.98 -27.95 -25.64
CA ASN D 251 -6.17 -29.21 -26.37
C ASN D 251 -6.84 -30.25 -25.49
N LEU D 252 -6.58 -30.20 -24.18
CA LEU D 252 -7.27 -31.09 -23.25
C LEU D 252 -8.76 -30.74 -23.15
N CYS D 253 -9.08 -29.43 -23.07
CA CYS D 253 -10.48 -29.00 -23.14
C CYS D 253 -11.12 -29.43 -24.46
N TRP D 254 -10.33 -29.51 -25.53
CA TRP D 254 -10.78 -30.00 -26.82
C TRP D 254 -10.67 -31.52 -26.95
N THR D 255 -10.76 -32.26 -25.84
CA THR D 255 -10.81 -33.71 -25.95
C THR D 255 -12.14 -34.14 -26.54
N TYR D 256 -12.08 -34.92 -27.62
CA TYR D 256 -13.29 -35.25 -28.38
C TYR D 256 -14.30 -36.02 -27.52
N ASP D 257 -13.83 -37.04 -26.81
CA ASP D 257 -14.72 -37.86 -26.00
C ASP D 257 -15.10 -37.12 -24.72
N VAL D 258 -16.40 -37.10 -24.42
CA VAL D 258 -16.90 -36.28 -23.31
C VAL D 258 -16.42 -36.83 -21.97
N GLU D 259 -16.39 -38.16 -21.81
CA GLU D 259 -15.98 -38.75 -20.55
C GLU D 259 -14.50 -38.51 -20.25
N ASN D 260 -13.65 -38.44 -21.28
CA ASN D 260 -12.24 -38.19 -21.06
C ASN D 260 -11.88 -36.70 -20.99
N ARG D 261 -12.81 -35.82 -21.36
CA ARG D 261 -12.58 -34.39 -21.23
C ARG D 261 -12.66 -33.98 -19.76
N PRO D 262 -11.77 -33.10 -19.30
CA PRO D 262 -11.81 -32.71 -17.88
C PRO D 262 -13.05 -31.90 -17.53
N GLY D 263 -13.47 -31.99 -16.27
CA GLY D 263 -14.44 -31.07 -15.73
C GLY D 263 -13.80 -29.75 -15.38
N PHE D 264 -14.61 -28.82 -14.88
CA PHE D 264 -14.07 -27.52 -14.50
C PHE D 264 -13.30 -27.56 -13.19
N ALA D 265 -13.56 -28.52 -12.32
CA ALA D 265 -12.71 -28.70 -11.15
C ALA D 265 -11.26 -28.94 -11.58
N ALA D 266 -11.06 -29.85 -12.54
CA ALA D 266 -9.71 -30.14 -13.00
C ALA D 266 -9.11 -28.98 -13.78
N VAL D 267 -9.95 -28.28 -14.56
CA VAL D 267 -9.47 -27.15 -15.35
C VAL D 267 -9.04 -26.01 -14.43
N GLU D 268 -9.85 -25.68 -13.43
CA GLU D 268 -9.49 -24.58 -12.53
C GLU D 268 -8.21 -24.87 -11.76
N LEU D 269 -8.04 -26.12 -11.29
CA LEU D 269 -6.83 -26.48 -10.57
C LEU D 269 -5.61 -26.36 -11.46
N ARG D 270 -5.73 -26.76 -12.73
CA ARG D 270 -4.63 -26.64 -13.68
C ARG D 270 -4.21 -25.18 -13.85
N LEU D 271 -5.18 -24.28 -14.03
CA LEU D 271 -4.84 -22.86 -14.17
C LEU D 271 -4.32 -22.28 -12.86
N ARG D 272 -4.89 -22.71 -11.73
CA ARG D 272 -4.45 -22.23 -10.42
C ARG D 272 -2.98 -22.54 -10.20
N ASN D 273 -2.57 -23.79 -10.46
CA ASN D 273 -1.20 -24.19 -10.22
C ASN D 273 -0.25 -23.52 -11.22
N TYR D 274 -0.66 -23.38 -12.48
CA TYR D 274 0.24 -22.79 -13.45
C TYR D 274 0.46 -21.30 -13.18
N TYR D 275 -0.62 -20.58 -12.83
CA TYR D 275 -0.45 -19.19 -12.43
C TYR D 275 0.51 -19.08 -11.25
N TYR D 276 0.33 -19.92 -10.23
CA TYR D 276 1.26 -19.96 -9.11
C TYR D 276 2.69 -20.15 -9.61
N ASP D 277 2.90 -21.03 -10.60
CA ASP D 277 4.23 -21.22 -11.17
C ASP D 277 4.74 -19.95 -11.83
N VAL D 278 3.86 -19.23 -12.53
CA VAL D 278 4.29 -18.09 -13.34
C VAL D 278 4.66 -16.91 -12.46
N VAL D 279 3.85 -16.62 -11.44
CA VAL D 279 4.18 -15.58 -10.48
C VAL D 279 5.44 -15.94 -9.70
N ASN D 280 5.76 -17.24 -9.60
CA ASN D 280 6.97 -17.69 -8.93
C ASN D 280 7.95 -18.33 -9.92
N1 A1LV4 E . 20.41 26.89 26.15
N3 A1LV4 E . 18.49 28.40 26.53
C4 A1LV4 E . 19.59 27.88 25.72
C5 A1LV4 E . 18.04 27.96 27.85
C6 A1LV4 E . 18.70 26.93 28.58
C7 A1LV4 E . 18.18 26.58 29.84
C8 A1LV4 E . 17.01 27.28 30.33
C10 A1LV4 E . 16.92 28.61 28.37
C13 A1LV4 E . 15.63 27.26 32.20
C15 A1LV4 E . 19.82 23.73 32.22
C17 A1LV4 E . 21.21 23.09 32.34
C20 A1LV4 E . 23.80 23.82 25.88
C21 A1LV4 E . 25.03 23.01 25.51
C22 A1LV4 E . 23.11 22.57 28.12
C24 A1LV4 E . 21.67 20.08 29.37
C26 A1LV4 E . 21.11 21.61 27.82
C1 A1LV4 E . 21.38 26.45 25.37
C11 A1LV4 E . 17.51 25.84 31.91
C12 A1LV4 E . 18.48 25.63 30.94
C14 A1LV4 E . 19.63 24.62 30.96
C16 A1LV4 E . 20.01 22.24 31.91
C18 A1LV4 E . 22.00 24.62 26.93
C19 A1LV4 E . 22.98 23.65 26.99
C2 A1LV4 E . 21.57 26.99 24.13
C23 A1LV4 E . 22.98 20.44 28.70
C25 A1LV4 E . 20.74 20.23 28.33
C27 A1LV4 E . 22.13 17.69 29.05
C3 A1LV4 E . 20.76 27.99 23.69
C9 A1LV4 E . 16.39 28.27 29.59
N2 A1LV4 E . 19.78 28.43 24.48
N4 A1LV4 E . 16.78 26.75 31.45
N5 A1LV4 E . 22.22 25.35 25.83
N6 A1LV4 E . 23.33 24.85 25.16
N7 A1LV4 E . 22.58 21.54 27.81
O1 A1LV4 E . 20.35 24.50 30.03
O2 A1LV4 E . 19.33 20.11 28.77
O3 A1LV4 E . 21.67 18.71 29.93
N1 A1LV4 F . -8.41 34.73 -1.05
N3 A1LV4 F . -10.31 36.30 -0.83
C4 A1LV4 F . -9.18 35.73 -1.56
C5 A1LV4 F . -10.74 35.96 0.55
C6 A1LV4 F . -10.10 34.96 1.32
C7 A1LV4 F . -10.59 34.69 2.61
C8 A1LV4 F . -11.71 35.45 3.11
C10 A1LV4 F . -11.84 36.67 1.06
C13 A1LV4 F . -12.96 35.52 5.11
C15 A1LV4 F . -9.03 31.88 5.05
C17 A1LV4 F . -7.72 31.13 5.24
C20 A1LV4 F . -4.98 31.61 -1.09
C21 A1LV4 F . -3.74 30.76 -1.43
C22 A1LV4 F . -5.67 30.43 1.15
C24 A1LV4 F . -7.16 28.15 2.61
C26 A1LV4 F . -7.67 29.46 0.87
C1 A1LV4 F . -7.37 34.26 -1.75
C11 A1LV4 F . -11.17 34.08 4.75
C12 A1LV4 F . -10.26 33.79 3.74
C14 A1LV4 F . -9.14 32.74 3.79
C16 A1LV4 F . -8.98 30.37 4.81
C18 A1LV4 F . -6.80 32.45 -0.09
C19 A1LV4 F . -5.82 31.48 0.01
C2 A1LV4 F . -7.08 34.77 -2.99
C23 A1LV4 F . -5.84 28.35 1.89
C25 A1LV4 F . -8.05 28.15 1.53
C27 A1LV4 F . -6.39 25.85 3.05
C3 A1LV4 F . -7.85 35.77 -3.49
C9 A1LV4 F . -12.32 36.42 2.34
N2 A1LV4 F . -8.89 36.24 -2.79
N4 A1LV4 F . -11.88 34.98 4.28
N5 A1LV4 F . -6.57 33.15 -1.22
N6 A1LV4 F . -5.45 32.61 -1.85
N7 A1LV4 F . -6.20 29.38 0.89
O1 A1LV4 F . -8.39 32.59 2.87
O2 A1LV4 F . -9.46 28.12 1.96
O3 A1LV4 F . -7.25 26.90 3.42
N1 A1LV4 G . 6.28 -12.84 6.77
N3 A1LV4 G . 7.91 -11.08 7.44
C4 A1LV4 G . 6.96 -12.14 7.74
C5 A1LV4 G . 8.39 -10.67 6.12
C6 A1LV4 G . 7.88 -11.20 4.91
C7 A1LV4 G . 8.39 -10.74 3.68
C8 A1LV4 G . 9.44 -9.74 3.71
C10 A1LV4 G . 9.40 -9.69 6.09
C13 A1LV4 G . 10.72 -8.55 2.13
C15 A1LV4 G . 7.05 -12.04 0.07
C17 A1LV4 G . 5.87 -12.84 -0.46
C20 A1LV4 G . 3.39 -15.95 5.09
C21 A1LV4 G . 2.32 -17.02 4.89
C22 A1LV4 G . 4.06 -15.52 2.57
C24 A1LV4 G . 5.68 -16.63 0.19
C26 A1LV4 G . 6.11 -16.41 2.38
C1 A1LV4 G . 5.43 -13.77 7.13
C11 A1LV4 G . 9.07 -10.15 1.57
C12 A1LV4 G . 8.18 -10.99 2.23
C14 A1LV4 G . 7.18 -11.97 1.61
C16 A1LV4 G . 7.28 -13.43 -0.53
C18 A1LV4 G . 4.97 -14.43 4.76
C19 A1LV4 G . 4.13 -15.31 4.12
C2 A1LV4 G . 5.20 -14.06 8.43
C23 A1LV4 G . 4.34 -16.86 0.86
C25 A1LV4 G . 6.56 -17.15 1.13
C27 A1LV4 G . 5.97 -16.37 -2.18
C3 A1LV4 G . 5.87 -13.37 9.40
C9 A1LV4 G . 9.91 -9.23 4.89
N2 A1LV4 G . 6.72 -12.42 9.05
N4 A1LV4 G . 9.68 -9.53 2.48
N5 A1LV4 G . 4.74 -14.52 6.07
N6 A1LV4 G . 3.77 -15.49 6.30
N7 A1LV4 G . 4.65 -16.51 2.25
O1 A1LV4 G . 6.51 -12.69 2.29
O2 A1LV4 G . 7.97 -16.88 0.77
O3 A1LV4 G . 5.78 -17.30 -1.11
N1 A1LV4 H . -21.89 -5.23 -19.48
N3 A1LV4 H . -20.24 -3.56 -18.72
C4 A1LV4 H . -21.24 -4.58 -18.46
C5 A1LV4 H . -19.80 -3.04 -20.02
C6 A1LV4 H . -20.32 -3.53 -21.24
C7 A1LV4 H . -19.84 -2.99 -22.46
C8 A1LV4 H . -18.86 -1.93 -22.40
C10 A1LV4 H . -18.84 -2.02 -20.02
C13 A1LV4 H . -17.68 -0.61 -23.99
C15 A1LV4 H . -21.02 -4.20 -26.13
C17 A1LV4 H . -22.20 -4.92 -26.79
C20 A1LV4 H . -24.83 -8.35 -21.21
C21 A1LV4 H . -25.90 -9.45 -21.39
C22 A1LV4 H . -24.18 -7.93 -23.72
C24 A1LV4 H . -22.44 -8.93 -26.15
C26 A1LV4 H . -22.03 -8.53 -23.98
C1 A1LV4 H . -22.82 -6.14 -19.18
C11 A1LV4 H . -19.25 -2.25 -24.56
C12 A1LV4 H . -20.07 -3.17 -23.92
C14 A1LV4 H . -21.03 -4.16 -24.60
C16 A1LV4 H . -20.82 -5.59 -26.75
C18 A1LV4 H . -23.26 -6.79 -21.56
C19 A1LV4 H . -24.09 -7.71 -22.18
C2 A1LV4 H . -23.09 -6.46 -17.88
C23 A1LV4 H . -23.77 -9.22 -25.46
C25 A1LV4 H . -21.50 -9.29 -25.19
C27 A1LV4 H . -22.16 -8.80 -28.52
C3 A1LV4 H . -22.42 -5.82 -16.87
C9 A1LV4 H . -18.37 -1.47 -21.20
N2 A1LV4 H . -21.52 -4.89 -17.17
N4 A1LV4 H . -18.65 -1.66 -23.64
N5 A1LV4 H . -23.50 -6.88 -20.25
N6 A1LV4 H . -24.46 -7.86 -20.02
N7 A1LV4 H . -23.47 -8.82 -24.08
O1 A1LV4 H . -21.76 -4.86 -23.96
O2 A1LV4 H . -20.15 -8.84 -25.55
O3 A1LV4 H . -22.27 -9.66 -27.40
#